data_1BH7
# 
_entry.id   1BH7 
# 
_audit_conform.dict_name       mmcif_pdbx.dic 
_audit_conform.dict_version    5.392 
_audit_conform.dict_location   http://mmcif.pdb.org/dictionaries/ascii/mmcif_pdbx.dic 
# 
loop_
_database_2.database_id 
_database_2.database_code 
_database_2.pdbx_database_accession 
_database_2.pdbx_DOI 
PDB   1BH7         pdb_00001bh7 10.2210/pdb1bh7/pdb 
WWPDB D_1000171753 ?            ?                   
# 
loop_
_pdbx_audit_revision_history.ordinal 
_pdbx_audit_revision_history.data_content_type 
_pdbx_audit_revision_history.major_revision 
_pdbx_audit_revision_history.minor_revision 
_pdbx_audit_revision_history.revision_date 
1 'Structure model' 1 0 1998-11-04 
2 'Structure model' 1 1 2008-03-24 
3 'Structure model' 1 2 2011-07-13 
4 'Structure model' 1 3 2022-02-16 
5 'Structure model' 1 4 2024-05-22 
# 
_pdbx_audit_revision_details.ordinal             1 
_pdbx_audit_revision_details.revision_ordinal    1 
_pdbx_audit_revision_details.data_content_type   'Structure model' 
_pdbx_audit_revision_details.provider            repository 
_pdbx_audit_revision_details.type                'Initial release' 
_pdbx_audit_revision_details.description         ? 
_pdbx_audit_revision_details.details             ? 
# 
loop_
_pdbx_audit_revision_group.ordinal 
_pdbx_audit_revision_group.revision_ordinal 
_pdbx_audit_revision_group.data_content_type 
_pdbx_audit_revision_group.group 
1 2 'Structure model' 'Version format compliance' 
2 3 'Structure model' 'Version format compliance' 
3 4 'Structure model' 'Database references'       
4 4 'Structure model' 'Derived calculations'      
5 4 'Structure model' Other                       
6 5 'Structure model' 'Data collection'           
# 
loop_
_pdbx_audit_revision_category.ordinal 
_pdbx_audit_revision_category.revision_ordinal 
_pdbx_audit_revision_category.data_content_type 
_pdbx_audit_revision_category.category 
1 4 'Structure model' database_2            
2 4 'Structure model' pdbx_database_status  
3 4 'Structure model' pdbx_struct_assembly  
4 4 'Structure model' pdbx_struct_oper_list 
5 5 'Structure model' chem_comp_atom        
6 5 'Structure model' chem_comp_bond        
# 
loop_
_pdbx_audit_revision_item.ordinal 
_pdbx_audit_revision_item.revision_ordinal 
_pdbx_audit_revision_item.data_content_type 
_pdbx_audit_revision_item.item 
1 4 'Structure model' '_database_2.pdbx_DOI'                
2 4 'Structure model' '_database_2.pdbx_database_accession' 
3 4 'Structure model' '_pdbx_database_status.process_site'  
# 
_pdbx_database_status.status_code                     REL 
_pdbx_database_status.entry_id                        1BH7 
_pdbx_database_status.recvd_initial_deposition_date   1998-06-16 
_pdbx_database_status.deposit_site                    ? 
_pdbx_database_status.process_site                    BNL 
_pdbx_database_status.SG_entry                        . 
_pdbx_database_status.pdb_format_compatible           Y 
_pdbx_database_status.status_code_mr                  ? 
_pdbx_database_status.status_code_sf                  ? 
_pdbx_database_status.status_code_cs                  ? 
_pdbx_database_status.status_code_nmr_data            ? 
_pdbx_database_status.methods_development_category    ? 
# 
loop_
_audit_author.name 
_audit_author.pdbx_ordinal 
'Askin, D.'       1 
'Bloomberg, G.B.' 2 
'Chambers, E.J.'  3 
'Tanner, M.J.A.'  4 
# 
_citation.id                        primary 
_citation.title                     
'NMR solution structure of a cytoplasmic surface loop of the human red cell anion transporter, band 3.' 
_citation.journal_abbrev            Biochemistry 
_citation.journal_volume            37 
_citation.page_first                11670 
_citation.page_last                 11678 
_citation.year                      1998 
_citation.journal_id_ASTM           BICHAW 
_citation.country                   US 
_citation.journal_id_ISSN           0006-2960 
_citation.journal_id_CSD            0033 
_citation.book_publisher            ? 
_citation.pdbx_database_id_PubMed   9709005 
_citation.pdbx_database_id_DOI      10.1021/bi973158d 
# 
loop_
_citation_author.citation_id 
_citation_author.name 
_citation_author.ordinal 
_citation_author.identifier_ORCID 
primary 'Askin, D.'       1 ? 
primary 'Bloomberg, G.B.' 2 ? 
primary 'Chambers, E.J.'  3 ? 
primary 'Tanner, M.J.'    4 ? 
# 
_entity.id                         1 
_entity.type                       polymer 
_entity.src_method                 man 
_entity.pdbx_description           'BAND 3' 
_entity.formula_weight             4158.074 
_entity.pdbx_number_of_molecules   1 
_entity.pdbx_ec                    ? 
_entity.pdbx_mutation              ? 
_entity.pdbx_fragment              'FINAL CYTOPLASMIC LOOP' 
_entity.details                    ? 
# 
_entity_poly.entity_id                      1 
_entity_poly.type                           'polypeptide(L)' 
_entity_poly.nstd_linkage                   no 
_entity_poly.nstd_monomer                   no 
_entity_poly.pdbx_seq_one_letter_code       IQLFDRILLLFKPPKYHPDVPYVKRVKTWRMHL 
_entity_poly.pdbx_seq_one_letter_code_can   IQLFDRILLLFKPPKYHPDVPYVKRVKTWRMHL 
_entity_poly.pdbx_strand_id                 A 
_entity_poly.pdbx_target_identifier         ? 
# 
loop_
_entity_poly_seq.entity_id 
_entity_poly_seq.num 
_entity_poly_seq.mon_id 
_entity_poly_seq.hetero 
1 1  ILE n 
1 2  GLN n 
1 3  LEU n 
1 4  PHE n 
1 5  ASP n 
1 6  ARG n 
1 7  ILE n 
1 8  LEU n 
1 9  LEU n 
1 10 LEU n 
1 11 PHE n 
1 12 LYS n 
1 13 PRO n 
1 14 PRO n 
1 15 LYS n 
1 16 TYR n 
1 17 HIS n 
1 18 PRO n 
1 19 ASP n 
1 20 VAL n 
1 21 PRO n 
1 22 TYR n 
1 23 VAL n 
1 24 LYS n 
1 25 ARG n 
1 26 VAL n 
1 27 LYS n 
1 28 THR n 
1 29 TRP n 
1 30 ARG n 
1 31 MET n 
1 32 HIS n 
1 33 LEU n 
# 
_entity_src_gen.entity_id                          1 
_entity_src_gen.pdbx_src_id                        1 
_entity_src_gen.pdbx_alt_source_flag               sample 
_entity_src_gen.pdbx_seq_type                      ? 
_entity_src_gen.pdbx_beg_seq_num                   ? 
_entity_src_gen.pdbx_end_seq_num                   ? 
_entity_src_gen.gene_src_common_name               human 
_entity_src_gen.gene_src_genus                     Homo 
_entity_src_gen.pdbx_gene_src_gene                 ? 
_entity_src_gen.gene_src_species                   ? 
_entity_src_gen.gene_src_strain                    ? 
_entity_src_gen.gene_src_tissue                    ? 
_entity_src_gen.gene_src_tissue_fraction           ? 
_entity_src_gen.gene_src_details                   ? 
_entity_src_gen.pdbx_gene_src_fragment             ? 
_entity_src_gen.pdbx_gene_src_scientific_name      'Homo sapiens' 
_entity_src_gen.pdbx_gene_src_ncbi_taxonomy_id     9606 
_entity_src_gen.pdbx_gene_src_variant              ? 
_entity_src_gen.pdbx_gene_src_cell_line            ? 
_entity_src_gen.pdbx_gene_src_atcc                 ? 
_entity_src_gen.pdbx_gene_src_organ                ? 
_entity_src_gen.pdbx_gene_src_organelle            ? 
_entity_src_gen.pdbx_gene_src_cell                 ? 
_entity_src_gen.pdbx_gene_src_cellular_location    ? 
_entity_src_gen.host_org_common_name               ? 
_entity_src_gen.pdbx_host_org_scientific_name      ? 
_entity_src_gen.pdbx_host_org_ncbi_taxonomy_id     ? 
_entity_src_gen.host_org_genus                     ? 
_entity_src_gen.pdbx_host_org_gene                 ? 
_entity_src_gen.pdbx_host_org_organ                ? 
_entity_src_gen.host_org_species                   ? 
_entity_src_gen.pdbx_host_org_tissue               ? 
_entity_src_gen.pdbx_host_org_tissue_fraction      ? 
_entity_src_gen.pdbx_host_org_strain               ? 
_entity_src_gen.pdbx_host_org_variant              ? 
_entity_src_gen.pdbx_host_org_cell_line            ? 
_entity_src_gen.pdbx_host_org_atcc                 ? 
_entity_src_gen.pdbx_host_org_culture_collection   ? 
_entity_src_gen.pdbx_host_org_cell                 ? 
_entity_src_gen.pdbx_host_org_organelle            ? 
_entity_src_gen.pdbx_host_org_cellular_location    ? 
_entity_src_gen.pdbx_host_org_vector_type          ? 
_entity_src_gen.pdbx_host_org_vector               ? 
_entity_src_gen.host_org_details                   ? 
_entity_src_gen.expression_system_id               ? 
_entity_src_gen.plasmid_name                       ? 
_entity_src_gen.plasmid_details                    ? 
_entity_src_gen.pdbx_description                   ? 
# 
loop_
_chem_comp.id 
_chem_comp.type 
_chem_comp.mon_nstd_flag 
_chem_comp.name 
_chem_comp.pdbx_synonyms 
_chem_comp.formula 
_chem_comp.formula_weight 
ARG 'L-peptide linking' y ARGININE        ? 'C6 H15 N4 O2 1' 175.209 
ASP 'L-peptide linking' y 'ASPARTIC ACID' ? 'C4 H7 N O4'     133.103 
GLN 'L-peptide linking' y GLUTAMINE       ? 'C5 H10 N2 O3'   146.144 
HIS 'L-peptide linking' y HISTIDINE       ? 'C6 H10 N3 O2 1' 156.162 
ILE 'L-peptide linking' y ISOLEUCINE      ? 'C6 H13 N O2'    131.173 
LEU 'L-peptide linking' y LEUCINE         ? 'C6 H13 N O2'    131.173 
LYS 'L-peptide linking' y LYSINE          ? 'C6 H15 N2 O2 1' 147.195 
MET 'L-peptide linking' y METHIONINE      ? 'C5 H11 N O2 S'  149.211 
PHE 'L-peptide linking' y PHENYLALANINE   ? 'C9 H11 N O2'    165.189 
PRO 'L-peptide linking' y PROLINE         ? 'C5 H9 N O2'     115.130 
THR 'L-peptide linking' y THREONINE       ? 'C4 H9 N O3'     119.119 
TRP 'L-peptide linking' y TRYPTOPHAN      ? 'C11 H12 N2 O2'  204.225 
TYR 'L-peptide linking' y TYROSINE        ? 'C9 H11 N O3'    181.189 
VAL 'L-peptide linking' y VALINE          ? 'C5 H11 N O2'    117.146 
# 
loop_
_pdbx_poly_seq_scheme.asym_id 
_pdbx_poly_seq_scheme.entity_id 
_pdbx_poly_seq_scheme.seq_id 
_pdbx_poly_seq_scheme.mon_id 
_pdbx_poly_seq_scheme.ndb_seq_num 
_pdbx_poly_seq_scheme.pdb_seq_num 
_pdbx_poly_seq_scheme.auth_seq_num 
_pdbx_poly_seq_scheme.pdb_mon_id 
_pdbx_poly_seq_scheme.auth_mon_id 
_pdbx_poly_seq_scheme.pdb_strand_id 
_pdbx_poly_seq_scheme.pdb_ins_code 
_pdbx_poly_seq_scheme.hetero 
A 1 1  ILE 1  9  9  ILE ILE A . n 
A 1 2  GLN 2  10 10 GLN GLN A . n 
A 1 3  LEU 3  11 11 LEU LEU A . n 
A 1 4  PHE 4  12 12 PHE PHE A . n 
A 1 5  ASP 5  13 13 ASP ASP A . n 
A 1 6  ARG 6  14 14 ARG ARG A . n 
A 1 7  ILE 7  15 15 ILE ILE A . n 
A 1 8  LEU 8  16 16 LEU LEU A . n 
A 1 9  LEU 9  17 ?  ?   ?   A . n 
A 1 10 LEU 10 18 18 LEU LEU A . n 
A 1 11 PHE 11 19 19 PHE PHE A . n 
A 1 12 LYS 12 20 20 LYS LYS A . n 
A 1 13 PRO 13 21 21 PRO PRO A . n 
A 1 14 PRO 14 22 22 PRO PRO A . n 
A 1 15 LYS 15 23 23 LYS LYS A . n 
A 1 16 TYR 16 24 24 TYR TYR A . n 
A 1 17 HIS 17 25 25 HIS HIS A . n 
A 1 18 PRO 18 26 26 PRO PRO A . n 
A 1 19 ASP 19 27 27 ASP ASP A . n 
A 1 20 VAL 20 28 ?  ?   ?   A . n 
A 1 21 PRO 21 29 29 PRO PRO A . n 
A 1 22 TYR 22 30 30 TYR TYR A . n 
A 1 23 VAL 23 31 31 VAL VAL A . n 
A 1 24 LYS 24 32 32 LYS LYS A . n 
A 1 25 ARG 25 33 33 ARG ARG A . n 
A 1 26 VAL 26 34 34 VAL VAL A . n 
A 1 27 LYS 27 35 35 LYS LYS A . n 
A 1 28 THR 28 36 36 THR THR A . n 
A 1 29 TRP 29 37 37 TRP TRP A . n 
A 1 30 ARG 30 38 38 ARG ARG A . n 
A 1 31 MET 31 39 39 MET MET A . n 
A 1 32 HIS 32 40 40 HIS HIS A . n 
A 1 33 LEU 33 41 41 LEU LEU A . n 
# 
loop_
_software.name 
_software.classification 
_software.version 
_software.citation_id 
_software.pdbx_ordinal 
X-PLOR 'model building' 3.1 ? 1 
X-PLOR refinement       3.1 ? 2 
X-PLOR phasing          3.1 ? 3 
# 
_cell.entry_id           1BH7 
_cell.length_a           1.000 
_cell.length_b           1.000 
_cell.length_c           1.000 
_cell.angle_alpha        90.00 
_cell.angle_beta         90.00 
_cell.angle_gamma        90.00 
_cell.Z_PDB              1 
_cell.pdbx_unique_axis   ? 
# 
_symmetry.entry_id                         1BH7 
_symmetry.space_group_name_H-M             'P 1' 
_symmetry.pdbx_full_space_group_name_H-M   ? 
_symmetry.cell_setting                     ? 
_symmetry.Int_Tables_number                1 
# 
_exptl.entry_id          1BH7 
_exptl.method            'SOLUTION NMR' 
_exptl.crystals_number   ? 
# 
_struct.entry_id                  1BH7 
_struct.title                     
'A LOW ENERGY STRUCTURE FOR THE FINAL CYTOPLASMIC LOOP OF BAND 3, NMR, MINIMIZED AVERAGE STRUCTURE' 
_struct.pdbx_model_details        ? 
_struct.pdbx_CASP_flag            ? 
_struct.pdbx_model_type_details   ? 
# 
_struct_keywords.entry_id        1BH7 
_struct_keywords.pdbx_keywords   'MEMBRANE PROTEIN' 
_struct_keywords.text            'MEMBRANE PROTEIN, CYTOPLASMIC LOOP, ANION EXCHANGE PROTEIN' 
# 
_struct_asym.id                            A 
_struct_asym.pdbx_blank_PDB_chainid_flag   Y 
_struct_asym.pdbx_modified                 N 
_struct_asym.entity_id                     1 
_struct_asym.details                       ? 
# 
_struct_ref.id                         1 
_struct_ref.db_name                    UNP 
_struct_ref.db_code                    B3AT_HUMAN 
_struct_ref.entity_id                  1 
_struct_ref.pdbx_db_accession          P02730 
_struct_ref.pdbx_align_begin           1 
_struct_ref.pdbx_seq_one_letter_code   
;MEELQDDYEDMMEENLEQEEYEDPDIPESQMEEPAAHDTEATATDYHTTSHPGTHKVYVELQELVMDEKNQELRWMEAAR
WVQLEENLGENGAWGRPHLSHLTFWSLLELRRVFTKGTVLLDLQETSLAGVANQLLDRFIFEDQIRPQDREELLRALLLK
HSHAGELEALGGVKPAVLTRSGDPSQPLLPQHSSLETQLFCEQGDGGTEGHSPSGILEKIPPDSEATLVLVGRADFLEQP
VLGFVRLQEAAELEAVELPVPIRFLFVLLGPEAPHIDYTQLGRAAATLMSERVFRIDAYMAQSRGELLHSLEGFLDCSLV
LPPTDAPSEQALLSLVPVQRELLRRRYQSSPAKPDSSFYKGLDLNGGPDDPLQQTGQLFGGLVRDIRRRYPYYLSDITDA
FSPQVLAAVIFIYFAALSPAITFGGLLGEKTRNQMGVSELLISTAVQGILFALLGAQPLLVVGFSGPLLVFEEAFFSFCE
TNGLEYIVGRVWIGFWLILLVVLVVAFEGSFLVRFISRYTQEIFSFLISLIFIYETFSKLIKIFQDHPLQKTYNYNVLMV
PKPQGPLPNTALLSLVLMAGTFFFAMMLRKFKNSSYFPGKLRRVIGDFGVPISILIMVLVDFFIQDTYTQKLSVPDGFKV
SNSSARGWVIHPLGLRSEFPIWMMFASALPALLVFILIFLESQITTLIVSKPERKMVKGSGFHLDLLLVVGMGGVAALFG
MPWLSATTVRSVTHANALTVMGKASTPGAAAQIQEVKEQRISGLLVAVLVGLSILMEPILSRIPLAVLFGIFLYMGVTSL
SGIQLFDRILLLFKPPKYHPDVPYVKRVKTWRMHLFTGIQIICLAVLWVVKSTPASLALPFVLILTVPLRRVLLPLIFRN
VELQCLDADDAKATFDEEEGRDEYDEVAMPV
;
_struct_ref.pdbx_db_isoform            ? 
# 
_struct_ref_seq.align_id                      1 
_struct_ref_seq.ref_id                        1 
_struct_ref_seq.pdbx_PDB_id_code              1BH7 
_struct_ref_seq.pdbx_strand_id                A 
_struct_ref_seq.seq_align_beg                 1 
_struct_ref_seq.pdbx_seq_align_beg_ins_code   ? 
_struct_ref_seq.seq_align_end                 33 
_struct_ref_seq.pdbx_seq_align_end_ins_code   ? 
_struct_ref_seq.pdbx_db_accession             P02730 
_struct_ref_seq.db_align_beg                  803 
_struct_ref_seq.pdbx_db_align_beg_ins_code    ? 
_struct_ref_seq.db_align_end                  835 
_struct_ref_seq.pdbx_db_align_end_ins_code    ? 
_struct_ref_seq.pdbx_auth_seq_align_beg       9 
_struct_ref_seq.pdbx_auth_seq_align_end       41 
# 
_pdbx_struct_assembly.id                   1 
_pdbx_struct_assembly.details              author_defined_assembly 
_pdbx_struct_assembly.method_details       ? 
_pdbx_struct_assembly.oligomeric_details   monomeric 
_pdbx_struct_assembly.oligomeric_count     1 
# 
_pdbx_struct_assembly_gen.assembly_id       1 
_pdbx_struct_assembly_gen.oper_expression   1 
_pdbx_struct_assembly_gen.asym_id_list      A 
# 
_pdbx_struct_oper_list.id                   1 
_pdbx_struct_oper_list.type                 'identity operation' 
_pdbx_struct_oper_list.name                 1_555 
_pdbx_struct_oper_list.symmetry_operation   x,y,z 
_pdbx_struct_oper_list.matrix[1][1]         1.0000000000 
_pdbx_struct_oper_list.matrix[1][2]         0.0000000000 
_pdbx_struct_oper_list.matrix[1][3]         0.0000000000 
_pdbx_struct_oper_list.vector[1]            0.0000000000 
_pdbx_struct_oper_list.matrix[2][1]         0.0000000000 
_pdbx_struct_oper_list.matrix[2][2]         1.0000000000 
_pdbx_struct_oper_list.matrix[2][3]         0.0000000000 
_pdbx_struct_oper_list.vector[2]            0.0000000000 
_pdbx_struct_oper_list.matrix[3][1]         0.0000000000 
_pdbx_struct_oper_list.matrix[3][2]         0.0000000000 
_pdbx_struct_oper_list.matrix[3][3]         1.0000000000 
_pdbx_struct_oper_list.vector[3]            0.0000000000 
# 
_struct_biol.id   1 
# 
_struct_conf.conf_type_id            HELX_P 
_struct_conf.id                      HELX_P1 
_struct_conf.pdbx_PDB_helix_id       1 
_struct_conf.beg_label_comp_id       LYS 
_struct_conf.beg_label_asym_id       A 
_struct_conf.beg_label_seq_id        27 
_struct_conf.pdbx_beg_PDB_ins_code   ? 
_struct_conf.end_label_comp_id       MET 
_struct_conf.end_label_asym_id       A 
_struct_conf.end_label_seq_id        31 
_struct_conf.pdbx_end_PDB_ins_code   ? 
_struct_conf.beg_auth_comp_id        LYS 
_struct_conf.beg_auth_asym_id        A 
_struct_conf.beg_auth_seq_id         35 
_struct_conf.end_auth_comp_id        MET 
_struct_conf.end_auth_asym_id        A 
_struct_conf.end_auth_seq_id         39 
_struct_conf.pdbx_PDB_helix_class    1 
_struct_conf.details                 ? 
_struct_conf.pdbx_PDB_helix_length   5 
# 
_struct_conf_type.id          HELX_P 
_struct_conf_type.criteria    ? 
_struct_conf_type.reference   ? 
# 
loop_
_pdbx_validate_torsion.id 
_pdbx_validate_torsion.PDB_model_num 
_pdbx_validate_torsion.auth_comp_id 
_pdbx_validate_torsion.auth_asym_id 
_pdbx_validate_torsion.auth_seq_id 
_pdbx_validate_torsion.PDB_ins_code 
_pdbx_validate_torsion.label_alt_id 
_pdbx_validate_torsion.phi 
_pdbx_validate_torsion.psi 
1 1 LEU A 11 ? ? -94.22  47.20  
2 1 ARG A 14 ? ? -69.80  3.35   
3 1 ILE A 15 ? ? -134.98 -68.72 
# 
loop_
_pdbx_validate_planes.id 
_pdbx_validate_planes.PDB_model_num 
_pdbx_validate_planes.auth_comp_id 
_pdbx_validate_planes.auth_asym_id 
_pdbx_validate_planes.auth_seq_id 
_pdbx_validate_planes.PDB_ins_code 
_pdbx_validate_planes.label_alt_id 
_pdbx_validate_planes.rmsd 
_pdbx_validate_planes.type 
1 1 ARG A 14 ? ? 0.297 'SIDE CHAIN' 
2 1 ARG A 33 ? ? 0.297 'SIDE CHAIN' 
3 1 ARG A 38 ? ? 0.241 'SIDE CHAIN' 
# 
_pdbx_nmr_ensemble.entry_id                             1BH7 
_pdbx_nmr_ensemble.conformers_calculated_total_number   15 
_pdbx_nmr_ensemble.conformers_submitted_total_number    1 
_pdbx_nmr_ensemble.conformer_selection_criteria         
'AVERAGE STRUCTURE- ONLY THE THREE STRUCTURED REGIONS WITHIN THE PEPTIDE ARE GIVEN' 
# 
_pdbx_nmr_sample_details.solution_id   1 
_pdbx_nmr_sample_details.contents      '30% TFE-D3/H2O' 
# 
_pdbx_nmr_exptl_sample_conditions.conditions_id       1 
_pdbx_nmr_exptl_sample_conditions.temperature         298 
_pdbx_nmr_exptl_sample_conditions.pressure            ATMOSPHERIC 
_pdbx_nmr_exptl_sample_conditions.pH                  3.5 
_pdbx_nmr_exptl_sample_conditions.ionic_strength      12mM 
_pdbx_nmr_exptl_sample_conditions.pressure_units      atm 
_pdbx_nmr_exptl_sample_conditions.temperature_units   K 
# 
loop_
_pdbx_nmr_exptl.experiment_id 
_pdbx_nmr_exptl.conditions_id 
_pdbx_nmr_exptl.type 
_pdbx_nmr_exptl.solution_id 
1 1 NOESY  1 
2 1 COSY   1 
3 1 HOHAHA 1 
# 
_pdbx_nmr_details.entry_id   1BH7 
_pdbx_nmr_details.text       'THE STRUCTURE WAS DETERMINED USING 2D SOLUTION-STATE NMR' 
# 
_pdbx_nmr_refine.entry_id           1BH7 
_pdbx_nmr_refine.method             'DISTANCE GEOMETRY AND SIMULATED ANNEALING' 
_pdbx_nmr_refine.details            
;480 DISTANCE RESTRAINTS 10 DIHEDRAL ANGLE RESTRAINTS 4 H-BONDING DISTANCE RESTRAINTS NO NOE VIOLATIONS > 0.05NM NO TORSION ANGLE VIOLATIONS > 5 DEGREES
;
_pdbx_nmr_refine.software_ordinal   1 
# 
loop_
_pdbx_nmr_software.classification 
_pdbx_nmr_software.name 
_pdbx_nmr_software.version 
_pdbx_nmr_software.authors 
_pdbx_nmr_software.ordinal 
refinement           X-PLOR 3.1 BRUNGER 1 
'structure solution' X-PLOR ?   ?       2 
# 
loop_
_pdbx_unobs_or_zero_occ_residues.id 
_pdbx_unobs_or_zero_occ_residues.PDB_model_num 
_pdbx_unobs_or_zero_occ_residues.polymer_flag 
_pdbx_unobs_or_zero_occ_residues.occupancy_flag 
_pdbx_unobs_or_zero_occ_residues.auth_asym_id 
_pdbx_unobs_or_zero_occ_residues.auth_comp_id 
_pdbx_unobs_or_zero_occ_residues.auth_seq_id 
_pdbx_unobs_or_zero_occ_residues.PDB_ins_code 
_pdbx_unobs_or_zero_occ_residues.label_asym_id 
_pdbx_unobs_or_zero_occ_residues.label_comp_id 
_pdbx_unobs_or_zero_occ_residues.label_seq_id 
1 1 Y 1 A LEU 17 ? A LEU 9  
2 1 Y 1 A VAL 28 ? A VAL 20 
# 
loop_
_chem_comp_atom.comp_id 
_chem_comp_atom.atom_id 
_chem_comp_atom.type_symbol 
_chem_comp_atom.pdbx_aromatic_flag 
_chem_comp_atom.pdbx_stereo_config 
_chem_comp_atom.pdbx_ordinal 
ARG N    N N N 1   
ARG CA   C N S 2   
ARG C    C N N 3   
ARG O    O N N 4   
ARG CB   C N N 5   
ARG CG   C N N 6   
ARG CD   C N N 7   
ARG NE   N N N 8   
ARG CZ   C N N 9   
ARG NH1  N N N 10  
ARG NH2  N N N 11  
ARG OXT  O N N 12  
ARG H    H N N 13  
ARG H2   H N N 14  
ARG HA   H N N 15  
ARG HB2  H N N 16  
ARG HB3  H N N 17  
ARG HG2  H N N 18  
ARG HG3  H N N 19  
ARG HD2  H N N 20  
ARG HD3  H N N 21  
ARG HE   H N N 22  
ARG HH11 H N N 23  
ARG HH12 H N N 24  
ARG HH21 H N N 25  
ARG HH22 H N N 26  
ARG HXT  H N N 27  
ASP N    N N N 28  
ASP CA   C N S 29  
ASP C    C N N 30  
ASP O    O N N 31  
ASP CB   C N N 32  
ASP CG   C N N 33  
ASP OD1  O N N 34  
ASP OD2  O N N 35  
ASP OXT  O N N 36  
ASP H    H N N 37  
ASP H2   H N N 38  
ASP HA   H N N 39  
ASP HB2  H N N 40  
ASP HB3  H N N 41  
ASP HD2  H N N 42  
ASP HXT  H N N 43  
GLN N    N N N 44  
GLN CA   C N S 45  
GLN C    C N N 46  
GLN O    O N N 47  
GLN CB   C N N 48  
GLN CG   C N N 49  
GLN CD   C N N 50  
GLN OE1  O N N 51  
GLN NE2  N N N 52  
GLN OXT  O N N 53  
GLN H    H N N 54  
GLN H2   H N N 55  
GLN HA   H N N 56  
GLN HB2  H N N 57  
GLN HB3  H N N 58  
GLN HG2  H N N 59  
GLN HG3  H N N 60  
GLN HE21 H N N 61  
GLN HE22 H N N 62  
GLN HXT  H N N 63  
HIS N    N N N 64  
HIS CA   C N S 65  
HIS C    C N N 66  
HIS O    O N N 67  
HIS CB   C N N 68  
HIS CG   C Y N 69  
HIS ND1  N Y N 70  
HIS CD2  C Y N 71  
HIS CE1  C Y N 72  
HIS NE2  N Y N 73  
HIS OXT  O N N 74  
HIS H    H N N 75  
HIS H2   H N N 76  
HIS HA   H N N 77  
HIS HB2  H N N 78  
HIS HB3  H N N 79  
HIS HD1  H N N 80  
HIS HD2  H N N 81  
HIS HE1  H N N 82  
HIS HE2  H N N 83  
HIS HXT  H N N 84  
ILE N    N N N 85  
ILE CA   C N S 86  
ILE C    C N N 87  
ILE O    O N N 88  
ILE CB   C N S 89  
ILE CG1  C N N 90  
ILE CG2  C N N 91  
ILE CD1  C N N 92  
ILE OXT  O N N 93  
ILE H    H N N 94  
ILE H2   H N N 95  
ILE HA   H N N 96  
ILE HB   H N N 97  
ILE HG12 H N N 98  
ILE HG13 H N N 99  
ILE HG21 H N N 100 
ILE HG22 H N N 101 
ILE HG23 H N N 102 
ILE HD11 H N N 103 
ILE HD12 H N N 104 
ILE HD13 H N N 105 
ILE HXT  H N N 106 
LEU N    N N N 107 
LEU CA   C N S 108 
LEU C    C N N 109 
LEU O    O N N 110 
LEU CB   C N N 111 
LEU CG   C N N 112 
LEU CD1  C N N 113 
LEU CD2  C N N 114 
LEU OXT  O N N 115 
LEU H    H N N 116 
LEU H2   H N N 117 
LEU HA   H N N 118 
LEU HB2  H N N 119 
LEU HB3  H N N 120 
LEU HG   H N N 121 
LEU HD11 H N N 122 
LEU HD12 H N N 123 
LEU HD13 H N N 124 
LEU HD21 H N N 125 
LEU HD22 H N N 126 
LEU HD23 H N N 127 
LEU HXT  H N N 128 
LYS N    N N N 129 
LYS CA   C N S 130 
LYS C    C N N 131 
LYS O    O N N 132 
LYS CB   C N N 133 
LYS CG   C N N 134 
LYS CD   C N N 135 
LYS CE   C N N 136 
LYS NZ   N N N 137 
LYS OXT  O N N 138 
LYS H    H N N 139 
LYS H2   H N N 140 
LYS HA   H N N 141 
LYS HB2  H N N 142 
LYS HB3  H N N 143 
LYS HG2  H N N 144 
LYS HG3  H N N 145 
LYS HD2  H N N 146 
LYS HD3  H N N 147 
LYS HE2  H N N 148 
LYS HE3  H N N 149 
LYS HZ1  H N N 150 
LYS HZ2  H N N 151 
LYS HZ3  H N N 152 
LYS HXT  H N N 153 
MET N    N N N 154 
MET CA   C N S 155 
MET C    C N N 156 
MET O    O N N 157 
MET CB   C N N 158 
MET CG   C N N 159 
MET SD   S N N 160 
MET CE   C N N 161 
MET OXT  O N N 162 
MET H    H N N 163 
MET H2   H N N 164 
MET HA   H N N 165 
MET HB2  H N N 166 
MET HB3  H N N 167 
MET HG2  H N N 168 
MET HG3  H N N 169 
MET HE1  H N N 170 
MET HE2  H N N 171 
MET HE3  H N N 172 
MET HXT  H N N 173 
PHE N    N N N 174 
PHE CA   C N S 175 
PHE C    C N N 176 
PHE O    O N N 177 
PHE CB   C N N 178 
PHE CG   C Y N 179 
PHE CD1  C Y N 180 
PHE CD2  C Y N 181 
PHE CE1  C Y N 182 
PHE CE2  C Y N 183 
PHE CZ   C Y N 184 
PHE OXT  O N N 185 
PHE H    H N N 186 
PHE H2   H N N 187 
PHE HA   H N N 188 
PHE HB2  H N N 189 
PHE HB3  H N N 190 
PHE HD1  H N N 191 
PHE HD2  H N N 192 
PHE HE1  H N N 193 
PHE HE2  H N N 194 
PHE HZ   H N N 195 
PHE HXT  H N N 196 
PRO N    N N N 197 
PRO CA   C N S 198 
PRO C    C N N 199 
PRO O    O N N 200 
PRO CB   C N N 201 
PRO CG   C N N 202 
PRO CD   C N N 203 
PRO OXT  O N N 204 
PRO H    H N N 205 
PRO HA   H N N 206 
PRO HB2  H N N 207 
PRO HB3  H N N 208 
PRO HG2  H N N 209 
PRO HG3  H N N 210 
PRO HD2  H N N 211 
PRO HD3  H N N 212 
PRO HXT  H N N 213 
THR N    N N N 214 
THR CA   C N S 215 
THR C    C N N 216 
THR O    O N N 217 
THR CB   C N R 218 
THR OG1  O N N 219 
THR CG2  C N N 220 
THR OXT  O N N 221 
THR H    H N N 222 
THR H2   H N N 223 
THR HA   H N N 224 
THR HB   H N N 225 
THR HG1  H N N 226 
THR HG21 H N N 227 
THR HG22 H N N 228 
THR HG23 H N N 229 
THR HXT  H N N 230 
TRP N    N N N 231 
TRP CA   C N S 232 
TRP C    C N N 233 
TRP O    O N N 234 
TRP CB   C N N 235 
TRP CG   C Y N 236 
TRP CD1  C Y N 237 
TRP CD2  C Y N 238 
TRP NE1  N Y N 239 
TRP CE2  C Y N 240 
TRP CE3  C Y N 241 
TRP CZ2  C Y N 242 
TRP CZ3  C Y N 243 
TRP CH2  C Y N 244 
TRP OXT  O N N 245 
TRP H    H N N 246 
TRP H2   H N N 247 
TRP HA   H N N 248 
TRP HB2  H N N 249 
TRP HB3  H N N 250 
TRP HD1  H N N 251 
TRP HE1  H N N 252 
TRP HE3  H N N 253 
TRP HZ2  H N N 254 
TRP HZ3  H N N 255 
TRP HH2  H N N 256 
TRP HXT  H N N 257 
TYR N    N N N 258 
TYR CA   C N S 259 
TYR C    C N N 260 
TYR O    O N N 261 
TYR CB   C N N 262 
TYR CG   C Y N 263 
TYR CD1  C Y N 264 
TYR CD2  C Y N 265 
TYR CE1  C Y N 266 
TYR CE2  C Y N 267 
TYR CZ   C Y N 268 
TYR OH   O N N 269 
TYR OXT  O N N 270 
TYR H    H N N 271 
TYR H2   H N N 272 
TYR HA   H N N 273 
TYR HB2  H N N 274 
TYR HB3  H N N 275 
TYR HD1  H N N 276 
TYR HD2  H N N 277 
TYR HE1  H N N 278 
TYR HE2  H N N 279 
TYR HH   H N N 280 
TYR HXT  H N N 281 
VAL N    N N N 282 
VAL CA   C N S 283 
VAL C    C N N 284 
VAL O    O N N 285 
VAL CB   C N N 286 
VAL CG1  C N N 287 
VAL CG2  C N N 288 
VAL OXT  O N N 289 
VAL H    H N N 290 
VAL H2   H N N 291 
VAL HA   H N N 292 
VAL HB   H N N 293 
VAL HG11 H N N 294 
VAL HG12 H N N 295 
VAL HG13 H N N 296 
VAL HG21 H N N 297 
VAL HG22 H N N 298 
VAL HG23 H N N 299 
VAL HXT  H N N 300 
# 
loop_
_chem_comp_bond.comp_id 
_chem_comp_bond.atom_id_1 
_chem_comp_bond.atom_id_2 
_chem_comp_bond.value_order 
_chem_comp_bond.pdbx_aromatic_flag 
_chem_comp_bond.pdbx_stereo_config 
_chem_comp_bond.pdbx_ordinal 
ARG N   CA   sing N N 1   
ARG N   H    sing N N 2   
ARG N   H2   sing N N 3   
ARG CA  C    sing N N 4   
ARG CA  CB   sing N N 5   
ARG CA  HA   sing N N 6   
ARG C   O    doub N N 7   
ARG C   OXT  sing N N 8   
ARG CB  CG   sing N N 9   
ARG CB  HB2  sing N N 10  
ARG CB  HB3  sing N N 11  
ARG CG  CD   sing N N 12  
ARG CG  HG2  sing N N 13  
ARG CG  HG3  sing N N 14  
ARG CD  NE   sing N N 15  
ARG CD  HD2  sing N N 16  
ARG CD  HD3  sing N N 17  
ARG NE  CZ   sing N N 18  
ARG NE  HE   sing N N 19  
ARG CZ  NH1  sing N N 20  
ARG CZ  NH2  doub N N 21  
ARG NH1 HH11 sing N N 22  
ARG NH1 HH12 sing N N 23  
ARG NH2 HH21 sing N N 24  
ARG NH2 HH22 sing N N 25  
ARG OXT HXT  sing N N 26  
ASP N   CA   sing N N 27  
ASP N   H    sing N N 28  
ASP N   H2   sing N N 29  
ASP CA  C    sing N N 30  
ASP CA  CB   sing N N 31  
ASP CA  HA   sing N N 32  
ASP C   O    doub N N 33  
ASP C   OXT  sing N N 34  
ASP CB  CG   sing N N 35  
ASP CB  HB2  sing N N 36  
ASP CB  HB3  sing N N 37  
ASP CG  OD1  doub N N 38  
ASP CG  OD2  sing N N 39  
ASP OD2 HD2  sing N N 40  
ASP OXT HXT  sing N N 41  
GLN N   CA   sing N N 42  
GLN N   H    sing N N 43  
GLN N   H2   sing N N 44  
GLN CA  C    sing N N 45  
GLN CA  CB   sing N N 46  
GLN CA  HA   sing N N 47  
GLN C   O    doub N N 48  
GLN C   OXT  sing N N 49  
GLN CB  CG   sing N N 50  
GLN CB  HB2  sing N N 51  
GLN CB  HB3  sing N N 52  
GLN CG  CD   sing N N 53  
GLN CG  HG2  sing N N 54  
GLN CG  HG3  sing N N 55  
GLN CD  OE1  doub N N 56  
GLN CD  NE2  sing N N 57  
GLN NE2 HE21 sing N N 58  
GLN NE2 HE22 sing N N 59  
GLN OXT HXT  sing N N 60  
HIS N   CA   sing N N 61  
HIS N   H    sing N N 62  
HIS N   H2   sing N N 63  
HIS CA  C    sing N N 64  
HIS CA  CB   sing N N 65  
HIS CA  HA   sing N N 66  
HIS C   O    doub N N 67  
HIS C   OXT  sing N N 68  
HIS CB  CG   sing N N 69  
HIS CB  HB2  sing N N 70  
HIS CB  HB3  sing N N 71  
HIS CG  ND1  sing Y N 72  
HIS CG  CD2  doub Y N 73  
HIS ND1 CE1  doub Y N 74  
HIS ND1 HD1  sing N N 75  
HIS CD2 NE2  sing Y N 76  
HIS CD2 HD2  sing N N 77  
HIS CE1 NE2  sing Y N 78  
HIS CE1 HE1  sing N N 79  
HIS NE2 HE2  sing N N 80  
HIS OXT HXT  sing N N 81  
ILE N   CA   sing N N 82  
ILE N   H    sing N N 83  
ILE N   H2   sing N N 84  
ILE CA  C    sing N N 85  
ILE CA  CB   sing N N 86  
ILE CA  HA   sing N N 87  
ILE C   O    doub N N 88  
ILE C   OXT  sing N N 89  
ILE CB  CG1  sing N N 90  
ILE CB  CG2  sing N N 91  
ILE CB  HB   sing N N 92  
ILE CG1 CD1  sing N N 93  
ILE CG1 HG12 sing N N 94  
ILE CG1 HG13 sing N N 95  
ILE CG2 HG21 sing N N 96  
ILE CG2 HG22 sing N N 97  
ILE CG2 HG23 sing N N 98  
ILE CD1 HD11 sing N N 99  
ILE CD1 HD12 sing N N 100 
ILE CD1 HD13 sing N N 101 
ILE OXT HXT  sing N N 102 
LEU N   CA   sing N N 103 
LEU N   H    sing N N 104 
LEU N   H2   sing N N 105 
LEU CA  C    sing N N 106 
LEU CA  CB   sing N N 107 
LEU CA  HA   sing N N 108 
LEU C   O    doub N N 109 
LEU C   OXT  sing N N 110 
LEU CB  CG   sing N N 111 
LEU CB  HB2  sing N N 112 
LEU CB  HB3  sing N N 113 
LEU CG  CD1  sing N N 114 
LEU CG  CD2  sing N N 115 
LEU CG  HG   sing N N 116 
LEU CD1 HD11 sing N N 117 
LEU CD1 HD12 sing N N 118 
LEU CD1 HD13 sing N N 119 
LEU CD2 HD21 sing N N 120 
LEU CD2 HD22 sing N N 121 
LEU CD2 HD23 sing N N 122 
LEU OXT HXT  sing N N 123 
LYS N   CA   sing N N 124 
LYS N   H    sing N N 125 
LYS N   H2   sing N N 126 
LYS CA  C    sing N N 127 
LYS CA  CB   sing N N 128 
LYS CA  HA   sing N N 129 
LYS C   O    doub N N 130 
LYS C   OXT  sing N N 131 
LYS CB  CG   sing N N 132 
LYS CB  HB2  sing N N 133 
LYS CB  HB3  sing N N 134 
LYS CG  CD   sing N N 135 
LYS CG  HG2  sing N N 136 
LYS CG  HG3  sing N N 137 
LYS CD  CE   sing N N 138 
LYS CD  HD2  sing N N 139 
LYS CD  HD3  sing N N 140 
LYS CE  NZ   sing N N 141 
LYS CE  HE2  sing N N 142 
LYS CE  HE3  sing N N 143 
LYS NZ  HZ1  sing N N 144 
LYS NZ  HZ2  sing N N 145 
LYS NZ  HZ3  sing N N 146 
LYS OXT HXT  sing N N 147 
MET N   CA   sing N N 148 
MET N   H    sing N N 149 
MET N   H2   sing N N 150 
MET CA  C    sing N N 151 
MET CA  CB   sing N N 152 
MET CA  HA   sing N N 153 
MET C   O    doub N N 154 
MET C   OXT  sing N N 155 
MET CB  CG   sing N N 156 
MET CB  HB2  sing N N 157 
MET CB  HB3  sing N N 158 
MET CG  SD   sing N N 159 
MET CG  HG2  sing N N 160 
MET CG  HG3  sing N N 161 
MET SD  CE   sing N N 162 
MET CE  HE1  sing N N 163 
MET CE  HE2  sing N N 164 
MET CE  HE3  sing N N 165 
MET OXT HXT  sing N N 166 
PHE N   CA   sing N N 167 
PHE N   H    sing N N 168 
PHE N   H2   sing N N 169 
PHE CA  C    sing N N 170 
PHE CA  CB   sing N N 171 
PHE CA  HA   sing N N 172 
PHE C   O    doub N N 173 
PHE C   OXT  sing N N 174 
PHE CB  CG   sing N N 175 
PHE CB  HB2  sing N N 176 
PHE CB  HB3  sing N N 177 
PHE CG  CD1  doub Y N 178 
PHE CG  CD2  sing Y N 179 
PHE CD1 CE1  sing Y N 180 
PHE CD1 HD1  sing N N 181 
PHE CD2 CE2  doub Y N 182 
PHE CD2 HD2  sing N N 183 
PHE CE1 CZ   doub Y N 184 
PHE CE1 HE1  sing N N 185 
PHE CE2 CZ   sing Y N 186 
PHE CE2 HE2  sing N N 187 
PHE CZ  HZ   sing N N 188 
PHE OXT HXT  sing N N 189 
PRO N   CA   sing N N 190 
PRO N   CD   sing N N 191 
PRO N   H    sing N N 192 
PRO CA  C    sing N N 193 
PRO CA  CB   sing N N 194 
PRO CA  HA   sing N N 195 
PRO C   O    doub N N 196 
PRO C   OXT  sing N N 197 
PRO CB  CG   sing N N 198 
PRO CB  HB2  sing N N 199 
PRO CB  HB3  sing N N 200 
PRO CG  CD   sing N N 201 
PRO CG  HG2  sing N N 202 
PRO CG  HG3  sing N N 203 
PRO CD  HD2  sing N N 204 
PRO CD  HD3  sing N N 205 
PRO OXT HXT  sing N N 206 
THR N   CA   sing N N 207 
THR N   H    sing N N 208 
THR N   H2   sing N N 209 
THR CA  C    sing N N 210 
THR CA  CB   sing N N 211 
THR CA  HA   sing N N 212 
THR C   O    doub N N 213 
THR C   OXT  sing N N 214 
THR CB  OG1  sing N N 215 
THR CB  CG2  sing N N 216 
THR CB  HB   sing N N 217 
THR OG1 HG1  sing N N 218 
THR CG2 HG21 sing N N 219 
THR CG2 HG22 sing N N 220 
THR CG2 HG23 sing N N 221 
THR OXT HXT  sing N N 222 
TRP N   CA   sing N N 223 
TRP N   H    sing N N 224 
TRP N   H2   sing N N 225 
TRP CA  C    sing N N 226 
TRP CA  CB   sing N N 227 
TRP CA  HA   sing N N 228 
TRP C   O    doub N N 229 
TRP C   OXT  sing N N 230 
TRP CB  CG   sing N N 231 
TRP CB  HB2  sing N N 232 
TRP CB  HB3  sing N N 233 
TRP CG  CD1  doub Y N 234 
TRP CG  CD2  sing Y N 235 
TRP CD1 NE1  sing Y N 236 
TRP CD1 HD1  sing N N 237 
TRP CD2 CE2  doub Y N 238 
TRP CD2 CE3  sing Y N 239 
TRP NE1 CE2  sing Y N 240 
TRP NE1 HE1  sing N N 241 
TRP CE2 CZ2  sing Y N 242 
TRP CE3 CZ3  doub Y N 243 
TRP CE3 HE3  sing N N 244 
TRP CZ2 CH2  doub Y N 245 
TRP CZ2 HZ2  sing N N 246 
TRP CZ3 CH2  sing Y N 247 
TRP CZ3 HZ3  sing N N 248 
TRP CH2 HH2  sing N N 249 
TRP OXT HXT  sing N N 250 
TYR N   CA   sing N N 251 
TYR N   H    sing N N 252 
TYR N   H2   sing N N 253 
TYR CA  C    sing N N 254 
TYR CA  CB   sing N N 255 
TYR CA  HA   sing N N 256 
TYR C   O    doub N N 257 
TYR C   OXT  sing N N 258 
TYR CB  CG   sing N N 259 
TYR CB  HB2  sing N N 260 
TYR CB  HB3  sing N N 261 
TYR CG  CD1  doub Y N 262 
TYR CG  CD2  sing Y N 263 
TYR CD1 CE1  sing Y N 264 
TYR CD1 HD1  sing N N 265 
TYR CD2 CE2  doub Y N 266 
TYR CD2 HD2  sing N N 267 
TYR CE1 CZ   doub Y N 268 
TYR CE1 HE1  sing N N 269 
TYR CE2 CZ   sing Y N 270 
TYR CE2 HE2  sing N N 271 
TYR CZ  OH   sing N N 272 
TYR OH  HH   sing N N 273 
TYR OXT HXT  sing N N 274 
VAL N   CA   sing N N 275 
VAL N   H    sing N N 276 
VAL N   H2   sing N N 277 
VAL CA  C    sing N N 278 
VAL CA  CB   sing N N 279 
VAL CA  HA   sing N N 280 
VAL C   O    doub N N 281 
VAL C   OXT  sing N N 282 
VAL CB  CG1  sing N N 283 
VAL CB  CG2  sing N N 284 
VAL CB  HB   sing N N 285 
VAL CG1 HG11 sing N N 286 
VAL CG1 HG12 sing N N 287 
VAL CG1 HG13 sing N N 288 
VAL CG2 HG21 sing N N 289 
VAL CG2 HG22 sing N N 290 
VAL CG2 HG23 sing N N 291 
VAL OXT HXT  sing N N 292 
# 
_pdbx_nmr_spectrometer.spectrometer_id   1 
_pdbx_nmr_spectrometer.model             'ALPHA 500MHZ' 
_pdbx_nmr_spectrometer.manufacturer      JEOL 
_pdbx_nmr_spectrometer.field_strength    500 
# 
_atom_sites.entry_id                    1BH7 
_atom_sites.fract_transf_matrix[1][1]   1.000000 
_atom_sites.fract_transf_matrix[1][2]   0.000000 
_atom_sites.fract_transf_matrix[1][3]   0.000000 
_atom_sites.fract_transf_matrix[2][1]   0.000000 
_atom_sites.fract_transf_matrix[2][2]   1.000000 
_atom_sites.fract_transf_matrix[2][3]   0.000000 
_atom_sites.fract_transf_matrix[3][1]   0.000000 
_atom_sites.fract_transf_matrix[3][2]   0.000000 
_atom_sites.fract_transf_matrix[3][3]   1.000000 
_atom_sites.fract_transf_vector[1]      0.00000 
_atom_sites.fract_transf_vector[2]      0.00000 
_atom_sites.fract_transf_vector[3]      0.00000 
# 
loop_
_atom_type.symbol 
C 
H 
N 
O 
S 
# 
loop_
_atom_site.group_PDB 
_atom_site.id 
_atom_site.type_symbol 
_atom_site.label_atom_id 
_atom_site.label_alt_id 
_atom_site.label_comp_id 
_atom_site.label_asym_id 
_atom_site.label_entity_id 
_atom_site.label_seq_id 
_atom_site.pdbx_PDB_ins_code 
_atom_site.Cartn_x 
_atom_site.Cartn_y 
_atom_site.Cartn_z 
_atom_site.occupancy 
_atom_site.B_iso_or_equiv 
_atom_site.pdbx_formal_charge 
_atom_site.auth_seq_id 
_atom_site.auth_comp_id 
_atom_site.auth_asym_id 
_atom_site.auth_atom_id 
_atom_site.pdbx_PDB_model_num 
ATOM 1   N N    . ILE A 1 1  ? -9.031  -3.076  2.533   1.00 1.41 ? 9  ILE A N    1 
ATOM 2   C CA   . ILE A 1 1  ? -7.762  -3.435  3.233   1.00 1.11 ? 9  ILE A CA   1 
ATOM 3   C C    . ILE A 1 1  ? -6.697  -2.336  3.051   1.00 0.81 ? 9  ILE A C    1 
ATOM 4   O O    . ILE A 1 1  ? -5.628  -2.577  2.518   1.00 1.72 ? 9  ILE A O    1 
ATOM 5   C CB   . ILE A 1 1  ? -7.247  -4.755  2.643   1.00 1.72 ? 9  ILE A CB   1 
ATOM 6   C CG1  . ILE A 1 1  ? -7.076  -4.608  1.125   1.00 2.00 ? 9  ILE A CG1  1 
ATOM 7   C CG2  . ILE A 1 1  ? -8.261  -5.864  2.924   1.00 2.33 ? 9  ILE A CG2  1 
ATOM 8   C CD1  . ILE A 1 1  ? -5.969  -5.547  0.627   1.00 2.87 ? 9  ILE A CD1  1 
ATOM 9   H H    . ILE A 1 1  ? -9.194  -3.420  1.629   1.00 1.64 ? 9  ILE A H    1 
ATOM 10  H HA   . ILE A 1 1  ? -7.961  -3.572  4.286   1.00 1.43 ? 9  ILE A HA   1 
ATOM 11  H HB   . ILE A 1 1  ? -6.300  -5.010  3.094   1.00 2.14 ? 9  ILE A HB   1 
ATOM 12  H HG12 . ILE A 1 1  ? -8.006  -4.865  0.634   1.00 2.14 ? 9  ILE A HG12 1 
ATOM 13  H HG13 . ILE A 1 1  ? -6.814  -3.588  0.888   1.00 2.03 ? 9  ILE A HG13 1 
ATOM 14  H HG21 . ILE A 1 1  ? -8.608  -5.788  3.944   1.00 2.81 ? 9  ILE A HG21 1 
ATOM 15  H HG22 . ILE A 1 1  ? -9.101  -5.761  2.250   1.00 2.51 ? 9  ILE A HG22 1 
ATOM 16  H HG23 . ILE A 1 1  ? -7.795  -6.827  2.772   1.00 2.76 ? 9  ILE A HG23 1 
ATOM 17  H HD11 . ILE A 1 1  ? -5.372  -5.879  1.464   1.00 3.18 ? 9  ILE A HD11 1 
ATOM 18  H HD12 . ILE A 1 1  ? -6.415  -6.404  0.141   1.00 3.40 ? 9  ILE A HD12 1 
ATOM 19  H HD13 . ILE A 1 1  ? -5.341  -5.021  -0.076  1.00 3.19 ? 9  ILE A HD13 1 
ATOM 20  N N    . GLN A 1 2  ? -6.978  -1.141  3.504   1.00 0.62 ? 10 GLN A N    1 
ATOM 21  C CA   . GLN A 1 2  ? -5.992  -0.023  3.381   1.00 1.14 ? 10 GLN A CA   1 
ATOM 22  C C    . GLN A 1 2  ? -6.006  0.779   4.690   1.00 1.01 ? 10 GLN A C    1 
ATOM 23  O O    . GLN A 1 2  ? -6.069  1.994   4.689   1.00 1.89 ? 10 GLN A O    1 
ATOM 24  C CB   . GLN A 1 2  ? -6.402  0.877   2.202   1.00 1.79 ? 10 GLN A CB   1 
ATOM 25  C CG   . GLN A 1 2  ? -5.250  0.992   1.195   1.00 2.49 ? 10 GLN A CG   1 
ATOM 26  C CD   . GLN A 1 2  ? -5.123  -0.306  0.389   1.00 3.04 ? 10 GLN A CD   1 
ATOM 27  O OE1  . GLN A 1 2  ? -5.953  -1.189  0.495   1.00 3.33 ? 10 GLN A OE1  1 
ATOM 28  N NE2  . GLN A 1 2  ? -4.111  -0.459  -0.427  1.00 3.76 ? 10 GLN A NE2  1 
ATOM 29  H H    . GLN A 1 2  ? -7.839  -0.978  3.940   1.00 1.20 ? 10 GLN A H    1 
ATOM 30  H HA   . GLN A 1 2  ? -5.004  -0.426  3.212   1.00 1.53 ? 10 GLN A HA   1 
ATOM 31  H HB2  . GLN A 1 2  ? -7.265  0.448   1.712   1.00 1.90 ? 10 GLN A HB2  1 
ATOM 32  H HB3  . GLN A 1 2  ? -6.656  1.862   2.564   1.00 2.23 ? 10 GLN A HB3  1 
ATOM 33  H HG2  . GLN A 1 2  ? -5.447  1.814   0.519   1.00 2.95 ? 10 GLN A HG2  1 
ATOM 34  H HG3  . GLN A 1 2  ? -4.326  1.175   1.726   1.00 2.82 ? 10 GLN A HG3  1 
ATOM 35  H HE21 . GLN A 1 2  ? -3.444  0.256   -0.522  1.00 4.01 ? 10 GLN A HE21 1 
ATOM 36  H HE22 . GLN A 1 2  ? -4.017  -1.291  -0.940  1.00 4.30 ? 10 GLN A HE22 1 
ATOM 37  N N    . LEU A 1 3  ? -5.979  0.094   5.804   1.00 0.56 ? 11 LEU A N    1 
ATOM 38  C CA   . LEU A 1 3  ? -6.025  0.785   7.130   1.00 0.55 ? 11 LEU A CA   1 
ATOM 39  C C    . LEU A 1 3  ? -4.598  1.011   7.660   1.00 0.55 ? 11 LEU A C    1 
ATOM 40  O O    . LEU A 1 3  ? -4.306  0.731   8.809   1.00 0.76 ? 11 LEU A O    1 
ATOM 41  C CB   . LEU A 1 3  ? -6.803  -0.091  8.133   1.00 0.71 ? 11 LEU A CB   1 
ATOM 42  C CG   . LEU A 1 3  ? -8.093  -0.653  7.501   1.00 1.21 ? 11 LEU A CG   1 
ATOM 43  C CD1  . LEU A 1 3  ? -8.386  -2.035  8.090   1.00 2.16 ? 11 LEU A CD1  1 
ATOM 44  C CD2  . LEU A 1 3  ? -9.272  0.282   7.795   1.00 1.78 ? 11 LEU A CD2  1 
ATOM 45  H H    . LEU A 1 3  ? -5.951  -0.884  5.769   1.00 1.17 ? 11 LEU A H    1 
ATOM 46  H HA   . LEU A 1 3  ? -6.525  1.739   7.023   1.00 0.75 ? 11 LEU A HA   1 
ATOM 47  H HB2  . LEU A 1 3  ? -6.173  -0.913  8.442   1.00 0.88 ? 11 LEU A HB2  1 
ATOM 48  H HB3  . LEU A 1 3  ? -7.061  0.505   8.997   1.00 1.13 ? 11 LEU A HB3  1 
ATOM 49  H HG   . LEU A 1 3  ? -7.967  -0.746  6.433   1.00 1.81 ? 11 LEU A HG   1 
ATOM 50  H HD11 . LEU A 1 3  ? -7.468  -2.472  8.454   1.00 2.63 ? 11 LEU A HD11 1 
ATOM 51  H HD12 . LEU A 1 3  ? -9.086  -1.937  8.907   1.00 2.67 ? 11 LEU A HD12 1 
ATOM 52  H HD13 . LEU A 1 3  ? -8.810  -2.669  7.326   1.00 2.65 ? 11 LEU A HD13 1 
ATOM 53  H HD21 . LEU A 1 3  ? -8.954  1.070   8.462   1.00 2.22 ? 11 LEU A HD21 1 
ATOM 54  H HD22 . LEU A 1 3  ? -9.621  0.716   6.869   1.00 2.24 ? 11 LEU A HD22 1 
ATOM 55  H HD23 . LEU A 1 3  ? -10.076 -0.276  8.255   1.00 2.26 ? 11 LEU A HD23 1 
ATOM 56  N N    . PHE A 1 4  ? -3.708  1.510   6.838   1.00 0.58 ? 12 PHE A N    1 
ATOM 57  C CA   . PHE A 1 4  ? -2.304  1.744   7.301   1.00 0.63 ? 12 PHE A CA   1 
ATOM 58  C C    . PHE A 1 4  ? -2.160  3.170   7.853   1.00 0.50 ? 12 PHE A C    1 
ATOM 59  O O    . PHE A 1 4  ? -1.695  3.368   8.955   1.00 0.65 ? 12 PHE A O    1 
ATOM 60  C CB   . PHE A 1 4  ? -1.339  1.551   6.119   1.00 0.86 ? 12 PHE A CB   1 
ATOM 61  C CG   . PHE A 1 4  ? -0.237  0.583   6.505   1.00 1.33 ? 12 PHE A CG   1 
ATOM 62  C CD1  . PHE A 1 4  ? -0.542  -0.763  6.749   1.00 2.03 ? 12 PHE A CD1  1 
ATOM 63  C CD2  . PHE A 1 4  ? 1.083   1.032   6.625   1.00 2.23 ? 12 PHE A CD2  1 
ATOM 64  C CE1  . PHE A 1 4  ? 0.475   -1.657  7.110   1.00 2.95 ? 12 PHE A CE1  1 
ATOM 65  C CE2  . PHE A 1 4  ? 2.098   0.138   6.988   1.00 3.08 ? 12 PHE A CE2  1 
ATOM 66  C CZ   . PHE A 1 4  ? 1.794   -1.206  7.230   1.00 3.30 ? 12 PHE A CZ   1 
ATOM 67  H H    . PHE A 1 4  ? -3.962  1.728   5.915   1.00 0.74 ? 12 PHE A H    1 
ATOM 68  H HA   . PHE A 1 4  ? -2.065  1.037   8.081   1.00 0.73 ? 12 PHE A HA   1 
ATOM 69  H HB2  . PHE A 1 4  ? -1.885  1.154   5.274   1.00 1.20 ? 12 PHE A HB2  1 
ATOM 70  H HB3  . PHE A 1 4  ? -0.901  2.500   5.845   1.00 1.47 ? 12 PHE A HB3  1 
ATOM 71  H HD1  . PHE A 1 4  ? -1.559  -1.111  6.656   1.00 2.36 ? 12 PHE A HD1  1 
ATOM 72  H HD2  . PHE A 1 4  ? 1.318   2.068   6.438   1.00 2.67 ? 12 PHE A HD2  1 
ATOM 73  H HE1  . PHE A 1 4  ? 0.240   -2.695  7.297   1.00 3.71 ? 12 PHE A HE1  1 
ATOM 74  H HE2  . PHE A 1 4  ? 3.117   0.485   7.082   1.00 3.88 ? 12 PHE A HE2  1 
ATOM 75  H HZ   . PHE A 1 4  ? 2.577   -1.897  7.511   1.00 4.12 ? 12 PHE A HZ   1 
ATOM 76  N N    . ASP A 1 5  ? -2.542  4.155   7.085   1.00 0.49 ? 13 ASP A N    1 
ATOM 77  C CA   . ASP A 1 5  ? -2.417  5.579   7.540   1.00 0.57 ? 13 ASP A CA   1 
ATOM 78  C C    . ASP A 1 5  ? -3.169  5.805   8.846   1.00 0.54 ? 13 ASP A C    1 
ATOM 79  O O    . ASP A 1 5  ? -2.632  6.292   9.823   1.00 1.07 ? 13 ASP A O    1 
ATOM 80  C CB   . ASP A 1 5  ? -3.060  6.497   6.492   1.00 0.85 ? 13 ASP A CB   1 
ATOM 81  C CG   . ASP A 1 5  ? -2.458  7.901   6.582   1.00 1.19 ? 13 ASP A CG   1 
ATOM 82  O OD1  . ASP A 1 5  ? -2.614  8.526   7.615   1.00 1.71 ? 13 ASP A OD1  1 
ATOM 83  O OD2  . ASP A 1 5  ? -1.865  8.335   5.613   1.00 1.71 ? 13 ASP A OD2  1 
ATOM 84  H H    . ASP A 1 5  ? -2.903  3.961   6.196   1.00 0.62 ? 13 ASP A H    1 
ATOM 85  H HA   . ASP A 1 5  ? -1.378  5.833   7.667   1.00 0.64 ? 13 ASP A HA   1 
ATOM 86  H HB2  . ASP A 1 5  ? -2.905  6.100   5.507   1.00 0.97 ? 13 ASP A HB2  1 
ATOM 87  H HB3  . ASP A 1 5  ? -4.122  6.559   6.681   1.00 0.90 ? 13 ASP A HB3  1 
ATOM 88  N N    . ARG A 1 6  ? -4.432  5.516   8.823   1.00 0.47 ? 14 ARG A N    1 
ATOM 89  C CA   . ARG A 1 6  ? -5.314  5.761   9.993   1.00 0.51 ? 14 ARG A CA   1 
ATOM 90  C C    . ARG A 1 6  ? -5.050  4.844   11.187  1.00 0.48 ? 14 ARG A C    1 
ATOM 91  O O    . ARG A 1 6  ? -5.761  4.921   12.175  1.00 0.87 ? 14 ARG A O    1 
ATOM 92  C CB   . ARG A 1 6  ? -6.738  5.601   9.525   1.00 0.69 ? 14 ARG A CB   1 
ATOM 93  C CG   . ARG A 1 6  ? -6.940  4.212   8.923   1.00 1.03 ? 14 ARG A CG   1 
ATOM 94  C CD   . ARG A 1 6  ? -8.030  3.520   9.706   1.00 2.10 ? 14 ARG A CD   1 
ATOM 95  N NE   . ARG A 1 6  ? -9.348  4.088   9.297   1.00 2.74 ? 14 ARG A NE   1 
ATOM 96  C CZ   . ARG A 1 6  ? -10.256 3.335   8.737   1.00 3.34 ? 14 ARG A CZ   1 
ATOM 97  N NH1  . ARG A 1 6  ? -10.109 2.934   7.502   1.00 3.97 ? 14 ARG A NH1  1 
ATOM 98  N NH2  . ARG A 1 6  ? -11.323 3.002   9.409   1.00 3.74 ? 14 ARG A NH2  1 
ATOM 99  H H    . ARG A 1 6  ? -4.826  5.176   7.993   1.00 0.86 ? 14 ARG A H    1 
ATOM 100 H HA   . ARG A 1 6  ? -5.195  6.763   10.315  1.00 0.64 ? 14 ARG A HA   1 
ATOM 101 H HB2  . ARG A 1 6  ? -7.397  5.741   10.367  1.00 1.14 ? 14 ARG A HB2  1 
ATOM 102 H HB3  . ARG A 1 6  ? -6.942  6.344   8.773   1.00 0.88 ? 14 ARG A HB3  1 
ATOM 103 H HG2  . ARG A 1 6  ? -7.241  4.307   7.887   1.00 1.35 ? 14 ARG A HG2  1 
ATOM 104 H HG3  . ARG A 1 6  ? -6.028  3.638   8.988   1.00 1.33 ? 14 ARG A HG3  1 
ATOM 105 H HD2  . ARG A 1 6  ? -7.994  2.467   9.510   1.00 2.60 ? 14 ARG A HD2  1 
ATOM 106 H HD3  . ARG A 1 6  ? -7.868  3.709   10.760  1.00 2.66 ? 14 ARG A HD3  1 
ATOM 107 H HE   . ARG A 1 6  ? -9.532  5.040   9.448   1.00 3.06 ? 14 ARG A HE   1 
ATOM 108 H HH11 . ARG A 1 6  ? -9.297  3.201   6.982   1.00 4.12 ? 14 ARG A HH11 1 
ATOM 109 H HH12 . ARG A 1 6  ? -10.809 2.357   7.077   1.00 4.54 ? 14 ARG A HH12 1 
ATOM 110 H HH21 . ARG A 1 6  ? -11.441 3.325   10.348  1.00 3.75 ? 14 ARG A HH21 1 
ATOM 111 H HH22 . ARG A 1 6  ? -12.023 2.428   8.985   1.00 4.30 ? 14 ARG A HH22 1 
ATOM 112 N N    . ILE A 1 7  ? -4.067  3.987   11.136  1.00 0.44 ? 15 ILE A N    1 
ATOM 113 C CA   . ILE A 1 7  ? -3.825  3.094   12.316  1.00 0.65 ? 15 ILE A CA   1 
ATOM 114 C C    . ILE A 1 7  ? -2.340  3.000   12.701  1.00 0.50 ? 15 ILE A C    1 
ATOM 115 O O    . ILE A 1 7  ? -1.955  3.420   13.777  1.00 0.82 ? 15 ILE A O    1 
ATOM 116 C CB   . ILE A 1 7  ? -4.345  1.684   12.006  1.00 1.07 ? 15 ILE A CB   1 
ATOM 117 C CG1  . ILE A 1 7  ? -5.837  1.755   11.633  1.00 1.41 ? 15 ILE A CG1  1 
ATOM 118 C CG2  . ILE A 1 7  ? -4.158  0.766   13.228  1.00 1.48 ? 15 ILE A CG2  1 
ATOM 119 C CD1  . ILE A 1 7  ? -6.675  2.236   12.829  1.00 1.55 ? 15 ILE A CD1  1 
ATOM 120 H H    . ILE A 1 7  ? -3.513  3.927   10.341  1.00 0.65 ? 15 ILE A H    1 
ATOM 121 H HA   . ILE A 1 7  ? -4.373  3.482   13.161  1.00 0.95 ? 15 ILE A HA   1 
ATOM 122 H HB   . ILE A 1 7  ? -3.790  1.280   11.174  1.00 1.21 ? 15 ILE A HB   1 
ATOM 123 H HG12 . ILE A 1 7  ? -5.964  2.444   10.812  1.00 1.56 ? 15 ILE A HG12 1 
ATOM 124 H HG13 . ILE A 1 7  ? -6.176  0.775   11.332  1.00 1.89 ? 15 ILE A HG13 1 
ATOM 125 H HG21 . ILE A 1 7  ? -4.401  1.311   14.129  1.00 1.96 ? 15 ILE A HG21 1 
ATOM 126 H HG22 . ILE A 1 7  ? -4.808  -0.091  13.138  1.00 2.01 ? 15 ILE A HG22 1 
ATOM 127 H HG23 . ILE A 1 7  ? -3.131  0.436   13.274  1.00 1.69 ? 15 ILE A HG23 1 
ATOM 128 H HD11 . ILE A 1 7  ? -6.035  2.366   13.692  1.00 1.74 ? 15 ILE A HD11 1 
ATOM 129 H HD12 . ILE A 1 7  ? -7.143  3.177   12.586  1.00 1.98 ? 15 ILE A HD12 1 
ATOM 130 H HD13 . ILE A 1 7  ? -7.436  1.504   13.054  1.00 2.07 ? 15 ILE A HD13 1 
ATOM 131 N N    . LEU A 1 8  ? -1.523  2.381   11.879  1.00 0.57 ? 16 LEU A N    1 
ATOM 132 C CA   . LEU A 1 8  ? -0.090  2.171   12.271  1.00 0.92 ? 16 LEU A CA   1 
ATOM 133 C C    . LEU A 1 8  ? 0.894   3.020   11.457  1.00 1.10 ? 16 LEU A C    1 
ATOM 134 O O    . LEU A 1 8  ? 2.088   2.802   11.542  1.00 1.82 ? 16 LEU A O    1 
ATOM 135 C CB   . LEU A 1 8  ? 0.235   0.670   12.098  1.00 1.59 ? 16 LEU A CB   1 
ATOM 136 C CG   . LEU A 1 8  ? 1.604   0.294   12.709  1.00 1.71 ? 16 LEU A CG   1 
ATOM 137 C CD1  . LEU A 1 8  ? 1.735   0.820   14.148  1.00 2.11 ? 16 LEU A CD1  1 
ATOM 138 C CD2  . LEU A 1 8  ? 1.733   -1.236  12.722  1.00 2.53 ? 16 LEU A CD2  1 
ATOM 139 H H    . LEU A 1 8  ? -1.865  1.999   11.042  1.00 0.70 ? 16 LEU A H    1 
ATOM 140 H HA   . LEU A 1 8  ? 0.018   2.426   13.311  1.00 1.29 ? 16 LEU A HA   1 
ATOM 141 H HB2  . LEU A 1 8  ? -0.535  0.088   12.582  1.00 2.12 ? 16 LEU A HB2  1 
ATOM 142 H HB3  . LEU A 1 8  ? 0.243   0.433   11.044  1.00 2.27 ? 16 LEU A HB3  1 
ATOM 143 H HG   . LEU A 1 8  ? 2.395   0.707   12.104  1.00 2.07 ? 16 LEU A HG   1 
ATOM 144 H HD11 . LEU A 1 8  ? 0.762   1.134   14.509  1.00 2.53 ? 16 LEU A HD11 1 
ATOM 145 H HD12 . LEU A 1 8  ? 2.121   0.031   14.790  1.00 2.34 ? 16 LEU A HD12 1 
ATOM 146 H HD13 . LEU A 1 8  ? 2.421   1.662   14.162  1.00 2.62 ? 16 LEU A HD13 1 
ATOM 147 H HD21 . LEU A 1 8  ? 1.316   -1.642  11.812  1.00 2.98 ? 16 LEU A HD21 1 
ATOM 148 H HD22 . LEU A 1 8  ? 2.778   -1.510  12.794  1.00 3.04 ? 16 LEU A HD22 1 
ATOM 149 H HD23 . LEU A 1 8  ? 1.199   -1.634  13.574  1.00 2.87 ? 16 LEU A HD23 1 
ATOM 150 N N    . LEU A 1 10 ? -3.205  -4.531  -7.311  1.00 1.44 ? 18 LEU A N    1 
ATOM 151 C CA   . LEU A 1 10 ? -3.288  -5.331  -8.589  1.00 1.92 ? 18 LEU A CA   1 
ATOM 152 C C    . LEU A 1 10 ? -3.295  -6.863  -8.349  1.00 1.61 ? 18 LEU A C    1 
ATOM 153 O O    . LEU A 1 10 ? -4.344  -7.472  -8.257  1.00 2.10 ? 18 LEU A O    1 
ATOM 154 C CB   . LEU A 1 10 ? -2.114  -4.946  -9.501  1.00 2.86 ? 18 LEU A CB   1 
ATOM 155 C CG   . LEU A 1 10 ? -2.383  -3.572  -10.130 1.00 3.70 ? 18 LEU A CG   1 
ATOM 156 C CD1  . LEU A 1 10 ? -1.067  -2.799  -10.271 1.00 4.71 ? 18 LEU A CD1  1 
ATOM 157 C CD2  . LEU A 1 10 ? -3.012  -3.758  -11.515 1.00 4.41 ? 18 LEU A CD2  1 
ATOM 158 H H    . LEU A 1 10 ? -3.738  -3.714  -7.232  1.00 1.71 ? 18 LEU A H    1 
ATOM 159 H HA   . LEU A 1 10 ? -4.207  -5.068  -9.091  1.00 2.61 ? 18 LEU A HA   1 
ATOM 160 H HB2  . LEU A 1 10 ? -1.205  -4.906  -8.920  1.00 3.06 ? 18 LEU A HB2  1 
ATOM 161 H HB3  . LEU A 1 10 ? -2.010  -5.682  -10.284 1.00 3.37 ? 18 LEU A HB3  1 
ATOM 162 H HG   . LEU A 1 10 ? -3.060  -3.015  -9.497  1.00 3.64 ? 18 LEU A HG   1 
ATOM 163 H HD11 . LEU A 1 10 ? -0.331  -3.212  -9.597  1.00 5.03 ? 18 LEU A HD11 1 
ATOM 164 H HD12 . LEU A 1 10 ? -0.707  -2.878  -11.285 1.00 5.16 ? 18 LEU A HD12 1 
ATOM 165 H HD13 . LEU A 1 10 ? -1.232  -1.759  -10.029 1.00 5.05 ? 18 LEU A HD13 1 
ATOM 166 H HD21 . LEU A 1 10 ? -3.541  -4.698  -11.548 1.00 4.75 ? 18 LEU A HD21 1 
ATOM 167 H HD22 . LEU A 1 10 ? -3.701  -2.949  -11.708 1.00 4.82 ? 18 LEU A HD22 1 
ATOM 168 H HD23 . LEU A 1 10 ? -2.235  -3.755  -12.266 1.00 4.60 ? 18 LEU A HD23 1 
ATOM 169 N N    . PHE A 1 11 ? -2.140  -7.494  -8.292  1.00 1.69 ? 19 PHE A N    1 
ATOM 170 C CA   . PHE A 1 11 ? -2.090  -8.980  -8.108  1.00 1.79 ? 19 PHE A CA   1 
ATOM 171 C C    . PHE A 1 11 ? -1.850  -9.351  -6.639  1.00 1.48 ? 19 PHE A C    1 
ATOM 172 O O    . PHE A 1 11 ? -1.704  -8.500  -5.783  1.00 2.07 ? 19 PHE A O    1 
ATOM 173 C CB   . PHE A 1 11 ? -0.935  -9.536  -8.944  1.00 2.36 ? 19 PHE A CB   1 
ATOM 174 C CG   . PHE A 1 11 ? -1.353  -9.649  -10.391 1.00 2.93 ? 19 PHE A CG   1 
ATOM 175 C CD1  . PHE A 1 11 ? -1.562  -8.495  -11.154 1.00 3.46 ? 19 PHE A CD1  1 
ATOM 176 C CD2  . PHE A 1 11 ? -1.531  -10.912 -10.965 1.00 3.54 ? 19 PHE A CD2  1 
ATOM 177 C CE1  . PHE A 1 11 ? -1.952  -8.603  -12.495 1.00 4.26 ? 19 PHE A CE1  1 
ATOM 178 C CE2  . PHE A 1 11 ? -1.921  -11.021 -12.304 1.00 4.33 ? 19 PHE A CE2  1 
ATOM 179 C CZ   . PHE A 1 11 ? -2.131  -9.867  -13.070 1.00 4.58 ? 19 PHE A CZ   1 
ATOM 180 H H    . PHE A 1 11 ? -1.307  -6.993  -8.396  1.00 2.22 ? 19 PHE A H    1 
ATOM 181 H HA   . PHE A 1 11 ? -3.016  -9.417  -8.445  1.00 2.25 ? 19 PHE A HA   1 
ATOM 182 H HB2  . PHE A 1 11 ? -0.087  -8.872  -8.867  1.00 2.68 ? 19 PHE A HB2  1 
ATOM 183 H HB3  . PHE A 1 11 ? -0.658  -10.512 -8.574  1.00 2.60 ? 19 PHE A HB3  1 
ATOM 184 H HD1  . PHE A 1 11 ? -1.421  -7.521  -10.710 1.00 3.58 ? 19 PHE A HD1  1 
ATOM 185 H HD2  . PHE A 1 11 ? -1.367  -11.800 -10.375 1.00 3.73 ? 19 PHE A HD2  1 
ATOM 186 H HE1  . PHE A 1 11 ? -2.115  -7.712  -13.085 1.00 4.88 ? 19 PHE A HE1  1 
ATOM 187 H HE2  . PHE A 1 11 ? -2.057  -11.997 -12.748 1.00 4.98 ? 19 PHE A HE2  1 
ATOM 188 H HZ   . PHE A 1 11 ? -2.432  -9.953  -14.104 1.00 5.30 ? 19 PHE A HZ   1 
ATOM 189 N N    . LYS A 1 12 ? -1.793  -10.630 -6.359  1.00 1.48 ? 20 LYS A N    1 
ATOM 190 C CA   . LYS A 1 12 ? -1.542  -11.095 -4.967  1.00 1.60 ? 20 LYS A CA   1 
ATOM 191 C C    . LYS A 1 12 ? -0.133  -11.718 -4.905  1.00 1.22 ? 20 LYS A C    1 
ATOM 192 O O    . LYS A 1 12 ? 0.237   -12.451 -5.800  1.00 1.42 ? 20 LYS A O    1 
ATOM 193 C CB   . LYS A 1 12 ? -2.587  -12.156 -4.590  1.00 2.33 ? 20 LYS A CB   1 
ATOM 194 C CG   . LYS A 1 12 ? -3.184  -11.843 -3.209  1.00 3.20 ? 20 LYS A CG   1 
ATOM 195 C CD   . LYS A 1 12 ? -4.713  -11.783 -3.305  1.00 3.97 ? 20 LYS A CD   1 
ATOM 196 C CE   . LYS A 1 12 ? -5.267  -13.176 -3.645  1.00 4.73 ? 20 LYS A CE   1 
ATOM 197 N NZ   . LYS A 1 12 ? -6.233  -13.085 -4.785  1.00 5.62 ? 20 LYS A NZ   1 
ATOM 198 H H    . LYS A 1 12 ? -1.905  -11.290 -7.075  1.00 2.00 ? 20 LYS A H    1 
ATOM 199 H HA   . LYS A 1 12 ? -1.611  -10.258 -4.293  1.00 1.98 ? 20 LYS A HA   1 
ATOM 200 H HB2  . LYS A 1 12 ? -3.372  -12.163 -5.334  1.00 2.65 ? 20 LYS A HB2  1 
ATOM 201 H HB3  . LYS A 1 12 ? -2.118  -13.129 -4.560  1.00 2.64 ? 20 LYS A HB3  1 
ATOM 202 H HG2  . LYS A 1 12 ? -2.899  -12.618 -2.514  1.00 3.51 ? 20 LYS A HG2  1 
ATOM 203 H HG3  . LYS A 1 12 ? -2.812  -10.893 -2.855  1.00 3.55 ? 20 LYS A HG3  1 
ATOM 204 H HD2  . LYS A 1 12 ? -5.118  -11.456 -2.359  1.00 4.23 ? 20 LYS A HD2  1 
ATOM 205 H HD3  . LYS A 1 12 ? -4.997  -11.086 -4.077  1.00 4.20 ? 20 LYS A HD3  1 
ATOM 206 H HE2  . LYS A 1 12 ? -4.453  -13.834 -3.918  1.00 4.86 ? 20 LYS A HE2  1 
ATOM 207 H HE3  . LYS A 1 12 ? -5.773  -13.576 -2.780  1.00 4.92 ? 20 LYS A HE3  1 
ATOM 208 H HZ1  . LYS A 1 12 ? -6.085  -12.199 -5.307  1.00 5.83 ? 20 LYS A HZ1  1 
ATOM 209 H HZ2  . LYS A 1 12 ? -6.086  -13.893 -5.427  1.00 6.04 ? 20 LYS A HZ2  1 
ATOM 210 H HZ3  . LYS A 1 12 ? -7.205  -13.109 -4.417  1.00 5.94 ? 20 LYS A HZ3  1 
ATOM 211 N N    . PRO A 1 13 ? 0.619   -11.420 -3.864  1.00 1.19 ? 21 PRO A N    1 
ATOM 212 C CA   . PRO A 1 13 ? 2.013   -11.930 -3.628  1.00 1.15 ? 21 PRO A CA   1 
ATOM 213 C C    . PRO A 1 13 ? 1.975   -13.251 -2.827  1.00 0.86 ? 21 PRO A C    1 
ATOM 214 O O    . PRO A 1 13 ? 1.454   -13.278 -1.729  1.00 1.17 ? 21 PRO A O    1 
ATOM 215 C CB   . PRO A 1 13 ? 2.696   -10.845 -2.809  1.00 1.77 ? 21 PRO A CB   1 
ATOM 216 C CG   . PRO A 1 13 ? 1.601   -10.088 -2.085  1.00 2.11 ? 21 PRO A CG   1 
ATOM 217 C CD   . PRO A 1 13 ? 0.274   -10.516 -2.705  1.00 1.79 ? 21 PRO A CD   1 
ATOM 218 H HA   . PRO A 1 13 ? 2.526   -12.060 -4.565  1.00 1.47 ? 21 PRO A HA   1 
ATOM 219 H HB2  . PRO A 1 13 ? 3.370   -11.290 -2.097  1.00 1.78 ? 21 PRO A HB2  1 
ATOM 220 H HB3  . PRO A 1 13 ? 3.233   -10.172 -3.461  1.00 2.25 ? 21 PRO A HB3  1 
ATOM 221 H HG2  . PRO A 1 13 ? 1.617   -10.337 -1.033  1.00 2.29 ? 21 PRO A HG2  1 
ATOM 222 H HG3  . PRO A 1 13 ? 1.736   -9.025  -2.216  1.00 2.66 ? 21 PRO A HG3  1 
ATOM 223 H HD2  . PRO A 1 13 ? -0.323  -11.047 -1.977  1.00 1.98 ? 21 PRO A HD2  1 
ATOM 224 H HD3  . PRO A 1 13 ? -0.253  -9.651  -3.060  1.00 2.10 ? 21 PRO A HD3  1 
ATOM 225 N N    . PRO A 1 14 ? 2.533   -14.312 -3.384  1.00 1.04 ? 22 PRO A N    1 
ATOM 226 C CA   . PRO A 1 14 ? 2.603   -15.683 -2.766  1.00 1.46 ? 22 PRO A CA   1 
ATOM 227 C C    . PRO A 1 14 ? 3.838   -15.812 -1.868  1.00 1.25 ? 22 PRO A C    1 
ATOM 228 O O    . PRO A 1 14 ? 3.898   -16.669 -1.007  1.00 1.71 ? 22 PRO A O    1 
ATOM 229 C CB   . PRO A 1 14 ? 2.709   -16.655 -3.931  1.00 2.15 ? 22 PRO A CB   1 
ATOM 230 C CG   . PRO A 1 14 ? 3.291   -15.878 -5.093  1.00 2.19 ? 22 PRO A CG   1 
ATOM 231 C CD   . PRO A 1 14 ? 3.205   -14.392 -4.733  1.00 1.57 ? 22 PRO A CD   1 
ATOM 232 H HA   . PRO A 1 14 ? 1.708   -15.884 -2.200  1.00 1.72 ? 22 PRO A HA   1 
ATOM 233 H HB2  . PRO A 1 14 ? 3.363   -17.477 -3.669  1.00 2.44 ? 22 PRO A HB2  1 
ATOM 234 H HB3  . PRO A 1 14 ? 1.732   -17.028 -4.193  1.00 2.50 ? 22 PRO A HB3  1 
ATOM 235 H HG2  . PRO A 1 14 ? 4.322   -16.163 -5.247  1.00 2.45 ? 22 PRO A HG2  1 
ATOM 236 H HG3  . PRO A 1 14 ? 2.718   -16.067 -5.988  1.00 2.59 ? 22 PRO A HG3  1 
ATOM 237 H HD2  . PRO A 1 14 ? 4.197   -13.966 -4.681  1.00 1.63 ? 22 PRO A HD2  1 
ATOM 238 H HD3  . PRO A 1 14 ? 2.613   -13.867 -5.468  1.00 1.75 ? 22 PRO A HD3  1 
ATOM 239 N N    . LYS A 1 15 ? 4.822   -14.977 -2.069  1.00 0.82 ? 23 LYS A N    1 
ATOM 240 C CA   . LYS A 1 15 ? 6.058   -15.058 -1.244  1.00 0.94 ? 23 LYS A CA   1 
ATOM 241 C C    . LYS A 1 15 ? 5.807   -14.422 0.124   1.00 1.05 ? 23 LYS A C    1 
ATOM 242 O O    . LYS A 1 15 ? 6.139   -14.985 1.151   1.00 1.85 ? 23 LYS A O    1 
ATOM 243 C CB   . LYS A 1 15 ? 7.176   -14.294 -1.958  1.00 1.29 ? 23 LYS A CB   1 
ATOM 244 C CG   . LYS A 1 15 ? 8.488   -14.417 -1.169  1.00 1.63 ? 23 LYS A CG   1 
ATOM 245 C CD   . LYS A 1 15 ? 9.564   -15.042 -2.059  1.00 2.17 ? 23 LYS A CD   1 
ATOM 246 C CE   . LYS A 1 15 ? 10.931  -14.932 -1.381  1.00 2.84 ? 23 LYS A CE   1 
ATOM 247 N NZ   . LYS A 1 15 ? 11.965  -15.534 -2.270  1.00 3.65 ? 23 LYS A NZ   1 
ATOM 248 H H    . LYS A 1 15 ? 4.754   -14.301 -2.775  1.00 0.78 ? 23 LYS A H    1 
ATOM 249 H HA   . LYS A 1 15 ? 6.346   -16.091 -1.120  1.00 1.15 ? 23 LYS A HA   1 
ATOM 250 H HB2  . LYS A 1 15 ? 7.306   -14.703 -2.948  1.00 1.62 ? 23 LYS A HB2  1 
ATOM 251 H HB3  . LYS A 1 15 ? 6.903   -13.251 -2.035  1.00 1.48 ? 23 LYS A HB3  1 
ATOM 252 H HG2  . LYS A 1 15 ? 8.809   -13.435 -0.856  1.00 1.84 ? 23 LYS A HG2  1 
ATOM 253 H HG3  . LYS A 1 15 ? 8.337   -15.038 -0.298  1.00 2.02 ? 23 LYS A HG3  1 
ATOM 254 H HD2  . LYS A 1 15 ? 9.328   -16.081 -2.226  1.00 2.52 ? 23 LYS A HD2  1 
ATOM 255 H HD3  . LYS A 1 15 ? 9.593   -14.522 -3.005  1.00 2.45 ? 23 LYS A HD3  1 
ATOM 256 H HE2  . LYS A 1 15 ? 11.165  -13.892 -1.207  1.00 3.17 ? 23 LYS A HE2  1 
ATOM 257 H HE3  . LYS A 1 15 ? 10.911  -15.461 -0.440  1.00 3.07 ? 23 LYS A HE3  1 
ATOM 258 H HZ1  . LYS A 1 15 ? 11.790  -15.240 -3.252  1.00 4.09 ? 23 LYS A HZ1  1 
ATOM 259 H HZ2  . LYS A 1 15 ? 12.909  -15.211 -1.973  1.00 3.99 ? 23 LYS A HZ2  1 
ATOM 260 H HZ3  . LYS A 1 15 ? 11.917  -16.570 -2.207  1.00 3.92 ? 23 LYS A HZ3  1 
ATOM 261 N N    . TYR A 1 16 ? 5.238   -13.250 0.136   1.00 1.14 ? 24 TYR A N    1 
ATOM 262 C CA   . TYR A 1 16 ? 4.973   -12.550 1.420   1.00 1.50 ? 24 TYR A CA   1 
ATOM 263 C C    . TYR A 1 16 ? 3.466   -12.449 1.660   1.00 1.09 ? 24 TYR A C    1 
ATOM 264 O O    . TYR A 1 16 ? 2.660   -12.725 0.793   1.00 1.72 ? 24 TYR A O    1 
ATOM 265 C CB   . TYR A 1 16 ? 5.546   -11.129 1.341   1.00 2.67 ? 24 TYR A CB   1 
ATOM 266 C CG   . TYR A 1 16 ? 7.044   -11.170 1.511   1.00 3.38 ? 24 TYR A CG   1 
ATOM 267 C CD1  . TYR A 1 16 ? 7.868   -11.418 0.405   1.00 4.07 ? 24 TYR A CD1  1 
ATOM 268 C CD2  . TYR A 1 16 ? 7.607   -10.954 2.773   1.00 3.95 ? 24 TYR A CD2  1 
ATOM 269 C CE1  . TYR A 1 16 ? 9.257   -11.460 0.567   1.00 5.07 ? 24 TYR A CE1  1 
ATOM 270 C CE2  . TYR A 1 16 ? 8.997   -10.995 2.935   1.00 5.02 ? 24 TYR A CE2  1 
ATOM 271 C CZ   . TYR A 1 16 ? 9.822   -11.247 1.831   1.00 5.49 ? 24 TYR A CZ   1 
ATOM 272 O OH   . TYR A 1 16 ? 11.191  -11.291 1.988   1.00 6.67 ? 24 TYR A OH   1 
ATOM 273 H H    . TYR A 1 16 ? 4.995   -12.820 -0.709  1.00 1.60 ? 24 TYR A H    1 
ATOM 274 H HA   . TYR A 1 16 ? 5.439   -13.085 2.235   1.00 1.96 ? 24 TYR A HA   1 
ATOM 275 H HB2  . TYR A 1 16 ? 5.305   -10.700 0.379   1.00 3.16 ? 24 TYR A HB2  1 
ATOM 276 H HB3  . TYR A 1 16 ? 5.112   -10.521 2.123   1.00 3.08 ? 24 TYR A HB3  1 
ATOM 277 H HD1  . TYR A 1 16 ? 7.432   -11.583 -0.572  1.00 4.16 ? 24 TYR A HD1  1 
ATOM 278 H HD2  . TYR A 1 16 ? 6.969   -10.756 3.623   1.00 3.89 ? 24 TYR A HD2  1 
ATOM 279 H HE1  . TYR A 1 16 ? 9.894   -11.652 -0.283  1.00 5.75 ? 24 TYR A HE1  1 
ATOM 280 H HE2  . TYR A 1 16 ? 9.431   -10.833 3.910   1.00 5.70 ? 24 TYR A HE2  1 
ATOM 281 H HH   . TYR A 1 16 ? 11.440  -12.204 2.148   1.00 7.01 ? 24 TYR A HH   1 
ATOM 282 N N    . HIS A 1 17 ? 3.097   -11.994 2.823   1.00 1.09 ? 25 HIS A N    1 
ATOM 283 C CA   . HIS A 1 17 ? 1.658   -11.784 3.159   1.00 1.37 ? 25 HIS A CA   1 
ATOM 284 C C    . HIS A 1 17 ? 1.566   -10.382 3.779   1.00 1.27 ? 25 HIS A C    1 
ATOM 285 O O    . HIS A 1 17 ? 1.390   -10.242 4.973   1.00 1.66 ? 25 HIS A O    1 
ATOM 286 C CB   . HIS A 1 17 ? 1.165   -12.855 4.154   1.00 2.30 ? 25 HIS A CB   1 
ATOM 287 C CG   . HIS A 1 17 ? 2.169   -13.107 5.263   1.00 3.00 ? 25 HIS A CG   1 
ATOM 288 N ND1  . HIS A 1 17 ? 3.116   -12.173 5.668   1.00 3.72 ? 25 HIS A ND1  1 
ATOM 289 C CD2  . HIS A 1 17 ? 2.358   -14.193 6.086   1.00 3.66 ? 25 HIS A CD2  1 
ATOM 290 C CE1  . HIS A 1 17 ? 3.806   -12.713 6.686   1.00 4.47 ? 25 HIS A CE1  1 
ATOM 291 N NE2  . HIS A 1 17 ? 3.385   -13.940 6.979   1.00 4.49 ? 25 HIS A NE2  1 
ATOM 292 H H    . HIS A 1 17 ? 3.784   -11.743 3.473   1.00 1.63 ? 25 HIS A H    1 
ATOM 293 H HA   . HIS A 1 17 ? 1.067   -11.822 2.254   1.00 2.02 ? 25 HIS A HA   1 
ATOM 294 H HB2  . HIS A 1 17 ? 0.235   -12.526 4.593   1.00 2.48 ? 25 HIS A HB2  1 
ATOM 295 H HB3  . HIS A 1 17 ? 0.993   -13.776 3.617   1.00 2.95 ? 25 HIS A HB3  1 
ATOM 296 H HD1  . HIS A 1 17 ? 3.269   -11.291 5.281   1.00 3.96 ? 25 HIS A HD1  1 
ATOM 297 H HD2  . HIS A 1 17 ? 1.796   -15.103 6.049   1.00 3.87 ? 25 HIS A HD2  1 
ATOM 298 H HE1  . HIS A 1 17 ? 4.595   -12.211 7.211   1.00 5.22 ? 25 HIS A HE1  1 
ATOM 299 N N    . PRO A 1 18 ? 1.779   -9.377  2.954   1.00 1.84 ? 26 PRO A N    1 
ATOM 300 C CA   . PRO A 1 18 ? 1.850   -7.938  3.351   1.00 2.37 ? 26 PRO A CA   1 
ATOM 301 C C    . PRO A 1 18 ? 0.492   -7.257  3.439   1.00 2.00 ? 26 PRO A C    1 
ATOM 302 O O    . PRO A 1 18 ? -0.041  -6.777  2.453   1.00 2.53 ? 26 PRO A O    1 
ATOM 303 C CB   . PRO A 1 18 ? 2.694   -7.261  2.279   1.00 3.62 ? 26 PRO A CB   1 
ATOM 304 C CG   . PRO A 1 18 ? 2.569   -8.107  1.031   1.00 3.87 ? 26 PRO A CG   1 
ATOM 305 C CD   . PRO A 1 18 ? 1.966   -9.442  1.455   1.00 2.82 ? 26 PRO A CD   1 
ATOM 306 H HA   . PRO A 1 18 ? 2.357   -7.849  4.297   1.00 2.63 ? 26 PRO A HA   1 
ATOM 307 H HB2  . PRO A 1 18 ? 2.327   -6.260  2.092   1.00 4.01 ? 26 PRO A HB2  1 
ATOM 308 H HB3  . PRO A 1 18 ? 3.726   -7.226  2.592   1.00 4.20 ? 26 PRO A HB3  1 
ATOM 309 H HG2  . PRO A 1 18 ? 1.920   -7.616  0.318   1.00 4.37 ? 26 PRO A HG2  1 
ATOM 310 H HG3  . PRO A 1 18 ? 3.541   -8.271  0.596   1.00 4.53 ? 26 PRO A HG3  1 
ATOM 311 H HD2  . PRO A 1 18 ? 1.012   -9.588  0.965   1.00 3.05 ? 26 PRO A HD2  1 
ATOM 312 H HD3  . PRO A 1 18 ? 2.636   -10.237 1.204   1.00 2.94 ? 26 PRO A HD3  1 
ATOM 313 N N    . ASP A 1 19 ? -0.009  -7.106  4.636   1.00 1.70 ? 27 ASP A N    1 
ATOM 314 C CA   . ASP A 1 19 ? -1.261  -6.338  4.829   1.00 1.93 ? 27 ASP A CA   1 
ATOM 315 C C    . ASP A 1 19 ? -0.764  -4.903  4.747   1.00 1.79 ? 27 ASP A C    1 
ATOM 316 O O    . ASP A 1 19 ? -0.164  -4.406  5.668   1.00 2.18 ? 27 ASP A O    1 
ATOM 317 C CB   . ASP A 1 19 ? -1.857  -6.636  6.209   1.00 2.79 ? 27 ASP A CB   1 
ATOM 318 C CG   . ASP A 1 19 ? -2.665  -7.936  6.152   1.00 3.39 ? 27 ASP A CG   1 
ATOM 319 O OD1  . ASP A 1 19 ? -2.077  -8.986  6.350   1.00 3.74 ? 27 ASP A OD1  1 
ATOM 320 O OD2  . ASP A 1 19 ? -3.860  -7.859  5.914   1.00 3.99 ? 27 ASP A OD2  1 
ATOM 321 H H    . ASP A 1 19 ? 0.490   -7.422  5.414   1.00 1.90 ? 27 ASP A H    1 
ATOM 322 H HA   . ASP A 1 19 ? -1.967  -6.546  4.038   1.00 2.14 ? 27 ASP A HA   1 
ATOM 323 H HB2  . ASP A 1 19 ? -1.057  -6.741  6.928   1.00 3.03 ? 27 ASP A HB2  1 
ATOM 324 H HB3  . ASP A 1 19 ? -2.504  -5.825  6.507   1.00 3.30 ? 27 ASP A HB3  1 
ATOM 325 N N    . PRO A 1 21 ? 1.411   -2.958  -0.331  1.00 1.70 ? 29 PRO A N    1 
ATOM 326 C CA   . PRO A 1 21 ? 1.481   -2.881  -1.821  1.00 1.78 ? 29 PRO A CA   1 
ATOM 327 C C    . PRO A 1 21 ? 2.900   -2.475  -2.237  1.00 1.50 ? 29 PRO A C    1 
ATOM 328 O O    . PRO A 1 21 ? 3.401   -1.434  -1.865  1.00 2.05 ? 29 PRO A O    1 
ATOM 329 C CB   . PRO A 1 21 ? 0.454   -1.839  -2.235  1.00 2.43 ? 29 PRO A CB   1 
ATOM 330 C CG   . PRO A 1 21 ? 0.237   -0.943  -1.040  1.00 2.57 ? 29 PRO A CG   1 
ATOM 331 C CD   . PRO A 1 21 ? 0.897   -1.625  0.160   1.00 2.27 ? 29 PRO A CD   1 
ATOM 332 H HA   . PRO A 1 21 ? 1.229   -3.838  -2.253  1.00 2.06 ? 29 PRO A HA   1 
ATOM 333 H HB2  . PRO A 1 21 ? 0.830   -1.262  -3.064  1.00 2.54 ? 29 PRO A HB2  1 
ATOM 334 H HB3  . PRO A 1 21 ? -0.472  -2.319  -2.507  1.00 2.95 ? 29 PRO A HB3  1 
ATOM 335 H HG2  . PRO A 1 21 ? 0.689   0.019   -1.222  1.00 2.55 ? 29 PRO A HG2  1 
ATOM 336 H HG3  . PRO A 1 21 ? -0.819  -0.827  -0.853  1.00 3.19 ? 29 PRO A HG3  1 
ATOM 337 H HD2  . PRO A 1 21 ? 1.713   -1.020  0.531   1.00 2.28 ? 29 PRO A HD2  1 
ATOM 338 H HD3  . PRO A 1 21 ? 0.169   -1.782  0.937   1.00 2.76 ? 29 PRO A HD3  1 
ATOM 339 N N    . TYR A 1 22 ? 3.546   -3.335  -2.967  1.00 1.51 ? 30 TYR A N    1 
ATOM 340 C CA   . TYR A 1 22 ? 4.960   -3.117  -3.413  1.00 1.61 ? 30 TYR A CA   1 
ATOM 341 C C    . TYR A 1 22 ? 5.303   -1.663  -3.790  1.00 1.43 ? 30 TYR A C    1 
ATOM 342 O O    . TYR A 1 22 ? 6.364   -1.178  -3.434  1.00 1.75 ? 30 TYR A O    1 
ATOM 343 C CB   . TYR A 1 22 ? 5.213   -4.023  -4.640  1.00 2.35 ? 30 TYR A CB   1 
ATOM 344 C CG   . TYR A 1 22 ? 6.633   -3.858  -5.183  1.00 2.76 ? 30 TYR A CG   1 
ATOM 345 C CD1  . TYR A 1 22 ? 7.673   -3.394  -4.355  1.00 3.21 ? 30 TYR A CD1  1 
ATOM 346 C CD2  . TYR A 1 22 ? 6.904   -4.162  -6.525  1.00 3.37 ? 30 TYR A CD2  1 
ATOM 347 C CE1  . TYR A 1 22 ? 8.963   -3.238  -4.860  1.00 3.90 ? 30 TYR A CE1  1 
ATOM 348 C CE2  . TYR A 1 22 ? 8.201   -4.006  -7.031  1.00 4.11 ? 30 TYR A CE2  1 
ATOM 349 C CZ   . TYR A 1 22 ? 9.230   -3.544  -6.198  1.00 4.25 ? 30 TYR A CZ   1 
ATOM 350 O OH   . TYR A 1 22 ? 10.507  -3.389  -6.697  1.00 5.13 ? 30 TYR A OH   1 
ATOM 351 H H    . TYR A 1 22 ? 3.103   -4.175  -3.207  1.00 2.03 ? 30 TYR A H    1 
ATOM 352 H HA   . TYR A 1 22 ? 5.621   -3.424  -2.625  1.00 1.70 ? 30 TYR A HA   1 
ATOM 353 H HB2  . TYR A 1 22 ? 5.062   -5.055  -4.356  1.00 2.77 ? 30 TYR A HB2  1 
ATOM 354 H HB3  . TYR A 1 22 ? 4.507   -3.766  -5.418  1.00 2.61 ? 30 TYR A HB3  1 
ATOM 355 H HD1  . TYR A 1 22 ? 7.472   -3.155  -3.320  1.00 3.42 ? 30 TYR A HD1  1 
ATOM 356 H HD2  . TYR A 1 22 ? 6.113   -4.521  -7.170  1.00 3.61 ? 30 TYR A HD2  1 
ATOM 357 H HE1  . TYR A 1 22 ? 9.754   -2.878  -4.218  1.00 4.45 ? 30 TYR A HE1  1 
ATOM 358 H HE2  . TYR A 1 22 ? 8.408   -4.239  -8.066  1.00 4.84 ? 30 TYR A HE2  1 
ATOM 359 H HH   . TYR A 1 22 ? 10.901  -4.261  -6.779  1.00 5.34 ? 30 TYR A HH   1 
ATOM 360 N N    . VAL A 1 23 ? 4.487   -0.999  -4.560  1.00 1.57 ? 31 VAL A N    1 
ATOM 361 C CA   . VAL A 1 23 ? 4.868   0.382   -5.016  1.00 1.66 ? 31 VAL A CA   1 
ATOM 362 C C    . VAL A 1 23 ? 4.021   1.491   -4.406  1.00 1.14 ? 31 VAL A C    1 
ATOM 363 O O    . VAL A 1 23 ? 3.019   1.904   -4.954  1.00 1.42 ? 31 VAL A O    1 
ATOM 364 C CB   . VAL A 1 23 ? 4.763   0.458   -6.539  1.00 2.36 ? 31 VAL A CB   1 
ATOM 365 C CG1  . VAL A 1 23 ? 5.911   -0.331  -7.168  1.00 3.08 ? 31 VAL A CG1  1 
ATOM 366 C CG2  . VAL A 1 23 ? 3.430   -0.142  -6.988  1.00 2.61 ? 31 VAL A CG2  1 
ATOM 367 H H    . VAL A 1 23 ? 3.668   -1.419  -4.887  1.00 2.00 ? 31 VAL A H    1 
ATOM 368 H HA   . VAL A 1 23 ? 5.899   0.561   -4.745  1.00 1.90 ? 31 VAL A HA   1 
ATOM 369 H HB   . VAL A 1 23 ? 4.820   1.490   -6.853  1.00 2.54 ? 31 VAL A HB   1 
ATOM 370 H HG11 . VAL A 1 23 ? 6.844   -0.037  -6.709  1.00 3.19 ? 31 VAL A HG11 1 
ATOM 371 H HG12 . VAL A 1 23 ? 5.751   -1.386  -7.009  1.00 3.42 ? 31 VAL A HG12 1 
ATOM 372 H HG13 . VAL A 1 23 ? 5.951   -0.129  -8.228  1.00 3.63 ? 31 VAL A HG13 1 
ATOM 373 H HG21 . VAL A 1 23 ? 2.699   -0.009  -6.205  1.00 2.85 ? 31 VAL A HG21 1 
ATOM 374 H HG22 . VAL A 1 23 ? 3.093   0.351   -7.885  1.00 2.85 ? 31 VAL A HG22 1 
ATOM 375 H HG23 . VAL A 1 23 ? 3.562   -1.197  -7.180  1.00 3.03 ? 31 VAL A HG23 1 
ATOM 376 N N    . LYS A 1 24 ? 4.482   2.029   -3.314  1.00 0.92 ? 32 LYS A N    1 
ATOM 377 C CA   . LYS A 1 24 ? 3.790   3.194   -2.680  1.00 1.07 ? 32 LYS A CA   1 
ATOM 378 C C    . LYS A 1 24 ? 4.732   4.414   -2.685  1.00 1.16 ? 32 LYS A C    1 
ATOM 379 O O    . LYS A 1 24 ? 4.380   5.478   -2.211  1.00 1.55 ? 32 LYS A O    1 
ATOM 380 C CB   . LYS A 1 24 ? 3.412   2.892   -1.254  1.00 1.42 ? 32 LYS A CB   1 
ATOM 381 C CG   . LYS A 1 24 ? 2.164   2.013   -1.260  1.00 1.95 ? 32 LYS A CG   1 
ATOM 382 C CD   . LYS A 1 24 ? 1.576   1.935   0.146   1.00 2.66 ? 32 LYS A CD   1 
ATOM 383 C CE   . LYS A 1 24 ? 0.334   2.820   0.253   1.00 3.23 ? 32 LYS A CE   1 
ATOM 384 N NZ   . LYS A 1 24 ? 0.717   4.090   0.912   1.00 4.05 ? 32 LYS A NZ   1 
ATOM 385 H H    . LYS A 1 24 ? 5.325   1.699   -2.942  1.00 1.18 ? 32 LYS A H    1 
ATOM 386 H HA   . LYS A 1 24 ? 2.893   3.416   -3.227  1.00 1.35 ? 32 LYS A HA   1 
ATOM 387 H HB2  . LYS A 1 24 ? 4.226   2.387   -0.765  1.00 1.87 ? 32 LYS A HB2  1 
ATOM 388 H HB3  . LYS A 1 24 ? 3.195   3.823   -0.747  1.00 1.83 ? 32 LYS A HB3  1 
ATOM 389 H HG2  . LYS A 1 24 ? 1.434   2.434   -1.937  1.00 2.39 ? 32 LYS A HG2  1 
ATOM 390 H HG3  . LYS A 1 24 ? 2.427   1.021   -1.590  1.00 2.33 ? 32 LYS A HG3  1 
ATOM 391 H HD2  . LYS A 1 24 ? 1.311   0.919   0.358   1.00 3.12 ? 32 LYS A HD2  1 
ATOM 392 H HD3  . LYS A 1 24 ? 2.312   2.273   0.854   1.00 3.00 ? 32 LYS A HD3  1 
ATOM 393 H HE2  . LYS A 1 24 ? -0.053  3.027   -0.735  1.00 3.42 ? 32 LYS A HE2  1 
ATOM 394 H HE3  . LYS A 1 24 ? -0.424  2.323   0.841   1.00 3.41 ? 32 LYS A HE3  1 
ATOM 395 H HZ1  . LYS A 1 24 ? 1.167   3.884   1.827   1.00 4.45 ? 32 LYS A HZ1  1 
ATOM 396 H HZ2  . LYS A 1 24 ? 1.387   4.598   0.305   1.00 4.13 ? 32 LYS A HZ2  1 
ATOM 397 H HZ3  . LYS A 1 24 ? -0.129  4.675   1.064   1.00 4.57 ? 32 LYS A HZ3  1 
ATOM 398 N N    . ARG A 1 25 ? 5.939   4.263   -3.203  1.00 1.09 ? 33 ARG A N    1 
ATOM 399 C CA   . ARG A 1 25 ? 6.923   5.401   -3.228  1.00 1.43 ? 33 ARG A CA   1 
ATOM 400 C C    . ARG A 1 25 ? 6.301   6.637   -3.865  1.00 1.26 ? 33 ARG A C    1 
ATOM 401 O O    . ARG A 1 25 ? 6.688   7.754   -3.573  1.00 1.69 ? 33 ARG A O    1 
ATOM 402 C CB   . ARG A 1 25 ? 8.180   5.032   -4.053  1.00 1.91 ? 33 ARG A CB   1 
ATOM 403 C CG   . ARG A 1 25 ? 7.827   4.131   -5.257  1.00 2.20 ? 33 ARG A CG   1 
ATOM 404 C CD   . ARG A 1 25 ? 8.407   2.723   -5.049  1.00 3.13 ? 33 ARG A CD   1 
ATOM 405 N NE   . ARG A 1 25 ? 9.466   2.466   -6.065  1.00 3.75 ? 33 ARG A NE   1 
ATOM 406 C CZ   . ARG A 1 25 ? 10.586  3.131   -6.020  1.00 4.28 ? 33 ARG A CZ   1 
ATOM 407 N NH1  . ARG A 1 25 ? 11.436  2.909   -5.058  1.00 4.52 ? 33 ARG A NH1  1 
ATOM 408 N NH2  . ARG A 1 25 ? 10.861  4.019   -6.934  1.00 4.98 ? 33 ARG A NH2  1 
ATOM 409 H H    . ARG A 1 25 ? 6.206   3.398   -3.562  1.00 1.03 ? 33 ARG A H    1 
ATOM 410 H HA   . ARG A 1 25 ? 7.220   5.633   -2.218  1.00 1.74 ? 33 ARG A HA   1 
ATOM 411 H HB2  . ARG A 1 25 ? 8.633   5.941   -4.423  1.00 2.31 ? 33 ARG A HB2  1 
ATOM 412 H HB3  . ARG A 1 25 ? 8.887   4.524   -3.418  1.00 2.24 ? 33 ARG A HB3  1 
ATOM 413 H HG2  . ARG A 1 25 ? 6.755   4.064   -5.362  1.00 2.26 ? 33 ARG A HG2  1 
ATOM 414 H HG3  . ARG A 1 25 ? 8.245   4.556   -6.158  1.00 2.44 ? 33 ARG A HG3  1 
ATOM 415 H HD2  . ARG A 1 25 ? 8.834   2.647   -4.061  1.00 3.36 ? 33 ARG A HD2  1 
ATOM 416 H HD3  . ARG A 1 25 ? 7.621   1.991   -5.157  1.00 3.63 ? 33 ARG A HD3  1 
ATOM 417 H HE   . ARG A 1 25 ? 9.322   1.793   -6.763  1.00 4.07 ? 33 ARG A HE   1 
ATOM 418 H HH11 . ARG A 1 25 ? 11.231  2.229   -4.355  1.00 4.36 ? 33 ARG A HH11 1 
ATOM 419 H HH12 . ARG A 1 25 ? 12.295  3.419   -5.023  1.00 5.12 ? 33 ARG A HH12 1 
ATOM 420 H HH21 . ARG A 1 25 ? 10.212  4.193   -7.673  1.00 5.14 ? 33 ARG A HH21 1 
ATOM 421 H HH22 . ARG A 1 25 ? 11.722  4.526   -6.894  1.00 5.55 ? 33 ARG A HH22 1 
ATOM 422 N N    . VAL A 1 26 ? 5.370   6.442   -4.751  1.00 0.96 ? 34 VAL A N    1 
ATOM 423 C CA   . VAL A 1 26 ? 4.751   7.598   -5.440  1.00 1.32 ? 34 VAL A CA   1 
ATOM 424 C C    . VAL A 1 26 ? 3.224   7.500   -5.402  1.00 1.22 ? 34 VAL A C    1 
ATOM 425 O O    . VAL A 1 26 ? 2.554   8.240   -6.101  1.00 1.48 ? 34 VAL A O    1 
ATOM 426 C CB   . VAL A 1 26 ? 5.236   7.643   -6.903  1.00 2.00 ? 34 VAL A CB   1 
ATOM 427 C CG1  . VAL A 1 26 ? 6.681   8.153   -6.950  1.00 2.52 ? 34 VAL A CG1  1 
ATOM 428 C CG2  . VAL A 1 26 ? 5.178   6.240   -7.535  1.00 2.30 ? 34 VAL A CG2  1 
ATOM 429 H H    . VAL A 1 26 ? 5.097   5.530   -4.981  1.00 0.83 ? 34 VAL A H    1 
ATOM 430 H HA   . VAL A 1 26 ? 5.055   8.509   -4.945  1.00 1.57 ? 34 VAL A HA   1 
ATOM 431 H HB   . VAL A 1 26 ? 4.604   8.317   -7.466  1.00 2.43 ? 34 VAL A HB   1 
ATOM 432 H HG11 . VAL A 1 26 ? 6.778   9.021   -6.315  1.00 2.74 ? 34 VAL A HG11 1 
ATOM 433 H HG12 . VAL A 1 26 ? 7.348   7.378   -6.604  1.00 2.95 ? 34 VAL A HG12 1 
ATOM 434 H HG13 . VAL A 1 26 ? 6.937   8.420   -7.964  1.00 2.95 ? 34 VAL A HG13 1 
ATOM 435 H HG21 . VAL A 1 26 ? 5.646   5.525   -6.875  1.00 2.59 ? 34 VAL A HG21 1 
ATOM 436 H HG22 . VAL A 1 26 ? 4.148   5.960   -7.698  1.00 2.69 ? 34 VAL A HG22 1 
ATOM 437 H HG23 . VAL A 1 26 ? 5.703   6.249   -8.479  1.00 2.66 ? 34 VAL A HG23 1 
ATOM 438 N N    . LYS A 1 27 ? 2.645   6.618   -4.598  1.00 1.13 ? 35 LYS A N    1 
ATOM 439 C CA   . LYS A 1 27 ? 1.149   6.561   -4.581  1.00 1.41 ? 35 LYS A CA   1 
ATOM 440 C C    . LYS A 1 27 ? 0.617   7.582   -3.568  1.00 1.24 ? 35 LYS A C    1 
ATOM 441 O O    . LYS A 1 27 ? -0.188  8.430   -3.900  1.00 1.32 ? 35 LYS A O    1 
ATOM 442 C CB   . LYS A 1 27 ? 0.655   5.144   -4.225  1.00 1.93 ? 35 LYS A CB   1 
ATOM 443 C CG   . LYS A 1 27 ? -0.199  4.578   -5.379  1.00 2.75 ? 35 LYS A CG   1 
ATOM 444 C CD   . LYS A 1 27 ? 0.511   3.385   -6.029  1.00 3.47 ? 35 LYS A CD   1 
ATOM 445 C CE   . LYS A 1 27 ? 0.131   3.304   -7.513  1.00 4.10 ? 35 LYS A CE   1 
ATOM 446 N NZ   . LYS A 1 27 ? -1.353  3.351   -7.664  1.00 4.68 ? 35 LYS A NZ   1 
ATOM 447 H H    . LYS A 1 27 ? 3.185   6.013   -4.009  1.00 1.10 ? 35 LYS A H    1 
ATOM 448 H HA   . LYS A 1 27 ? 0.786   6.830   -5.563  1.00 1.64 ? 35 LYS A HA   1 
ATOM 449 H HB2  . LYS A 1 27 ? 1.502   4.502   -4.052  1.00 2.03 ? 35 LYS A HB2  1 
ATOM 450 H HB3  . LYS A 1 27 ? 0.053   5.188   -3.328  1.00 2.16 ? 35 LYS A HB3  1 
ATOM 451 H HG2  . LYS A 1 27 ? -1.154  4.256   -4.993  1.00 3.04 ? 35 LYS A HG2  1 
ATOM 452 H HG3  . LYS A 1 27 ? -0.358  5.344   -6.124  1.00 3.17 ? 35 LYS A HG3  1 
ATOM 453 H HD2  . LYS A 1 27 ? 1.581   3.509   -5.936  1.00 3.90 ? 35 LYS A HD2  1 
ATOM 454 H HD3  . LYS A 1 27 ? 0.211   2.475   -5.533  1.00 3.66 ? 35 LYS A HD3  1 
ATOM 455 H HE2  . LYS A 1 27 ? 0.569   4.138   -8.041  1.00 4.13 ? 35 LYS A HE2  1 
ATOM 456 H HE3  . LYS A 1 27 ? 0.506   2.380   -7.932  1.00 4.52 ? 35 LYS A HE3  1 
ATOM 457 H HZ1  . LYS A 1 27 ? -1.804  2.952   -6.814  1.00 4.92 ? 35 LYS A HZ1  1 
ATOM 458 H HZ2  . LYS A 1 27 ? -1.658  4.336   -7.789  1.00 4.92 ? 35 LYS A HZ2  1 
ATOM 459 H HZ3  . LYS A 1 27 ? -1.634  2.796   -8.497  1.00 4.97 ? 35 LYS A HZ3  1 
ATOM 460 N N    . THR A 1 28 ? 1.064   7.506   -2.339  1.00 1.39 ? 36 THR A N    1 
ATOM 461 C CA   . THR A 1 28 ? 0.583   8.466   -1.296  1.00 1.73 ? 36 THR A CA   1 
ATOM 462 C C    . THR A 1 28 ? 0.902   9.905   -1.698  1.00 1.50 ? 36 THR A C    1 
ATOM 463 O O    . THR A 1 28 ? 0.139   10.811  -1.418  1.00 2.03 ? 36 THR A O    1 
ATOM 464 C CB   . THR A 1 28 ? 1.272   8.166   0.033   1.00 2.47 ? 36 THR A CB   1 
ATOM 465 O OG1  . THR A 1 28 ? 1.503   6.777   0.130   1.00 2.94 ? 36 THR A OG1  1 
ATOM 466 C CG2  . THR A 1 28 ? 0.381   8.611   1.194   1.00 3.03 ? 36 THR A CG2  1 
ATOM 467 H H    . THR A 1 28 ? 1.713   6.811   -2.101  1.00 1.50 ? 36 THR A H    1 
ATOM 468 H HA   . THR A 1 28 ? -0.484  8.357   -1.176  1.00 1.90 ? 36 THR A HA   1 
ATOM 469 H HB   . THR A 1 28 ? 2.212   8.693   0.082   1.00 2.83 ? 36 THR A HB   1 
ATOM 470 H HG1  . THR A 1 28 ? 0.652   6.338   0.067   1.00 3.55 ? 36 THR A HG1  1 
ATOM 471 H HG21 . THR A 1 28 ? -0.394  9.269   0.828   1.00 3.56 ? 36 THR A HG21 1 
ATOM 472 H HG22 . THR A 1 28 ? -0.071  7.745   1.652   1.00 3.25 ? 36 THR A HG22 1 
ATOM 473 H HG23 . THR A 1 28 ? 0.978   9.134   1.926   1.00 3.33 ? 36 THR A HG23 1 
ATOM 474 N N    . TRP A 1 29 ? 2.024   10.130  -2.331  1.00 1.26 ? 37 TRP A N    1 
ATOM 475 C CA   . TRP A 1 29 ? 2.388   11.521  -2.731  1.00 1.62 ? 37 TRP A CA   1 
ATOM 476 C C    . TRP A 1 29 ? 1.350   12.060  -3.723  1.00 1.32 ? 37 TRP A C    1 
ATOM 477 O O    . TRP A 1 29 ? 0.919   13.193  -3.620  1.00 1.90 ? 37 TRP A O    1 
ATOM 478 C CB   . TRP A 1 29 ? 3.783   11.527  -3.373  1.00 2.29 ? 37 TRP A CB   1 
ATOM 479 C CG   . TRP A 1 29 ? 4.482   12.806  -3.030  1.00 3.01 ? 37 TRP A CG   1 
ATOM 480 C CD1  . TRP A 1 29 ? 5.527   12.926  -2.176  1.00 3.87 ? 37 TRP A CD1  1 
ATOM 481 C CD2  . TRP A 1 29 ? 4.200   14.146  -3.517  1.00 3.29 ? 37 TRP A CD2  1 
ATOM 482 N NE1  . TRP A 1 29 ? 5.895   14.260  -2.106  1.00 4.56 ? 37 TRP A NE1  1 
ATOM 483 C CE2  . TRP A 1 29 ? 5.101   15.050  -2.916  1.00 4.18 ? 37 TRP A CE2  1 
ATOM 484 C CE3  . TRP A 1 29 ? 3.253   14.663  -4.411  1.00 3.17 ? 37 TRP A CE3  1 
ATOM 485 C CZ2  . TRP A 1 29 ? 5.057   16.415  -3.202  1.00 4.66 ? 37 TRP A CZ2  1 
ATOM 486 C CZ3  . TRP A 1 29 ? 3.220   16.040  -4.693  1.00 3.73 ? 37 TRP A CZ3  1 
ATOM 487 C CH2  . TRP A 1 29 ? 4.117   16.906  -4.089  1.00 4.35 ? 37 TRP A CH2  1 
ATOM 488 H H    . TRP A 1 29 ? 2.631   9.387   -2.536  1.00 1.36 ? 37 TRP A H    1 
ATOM 489 H HA   . TRP A 1 29 ? 2.397   12.149  -1.851  1.00 1.97 ? 37 TRP A HA   1 
ATOM 490 H HB2  . TRP A 1 29 ? 4.356   10.691  -3.000  1.00 2.61 ? 37 TRP A HB2  1 
ATOM 491 H HB3  . TRP A 1 29 ? 3.686   11.447  -4.446  1.00 2.29 ? 37 TRP A HB3  1 
ATOM 492 H HD1  . TRP A 1 29 ? 5.995   12.116  -1.637  1.00 4.12 ? 37 TRP A HD1  1 
ATOM 493 H HE1  . TRP A 1 29 ? 6.623   14.619  -1.557  1.00 5.32 ? 37 TRP A HE1  1 
ATOM 494 H HE3  . TRP A 1 29 ? 2.552   13.997  -4.886  1.00 2.93 ? 37 TRP A HE3  1 
ATOM 495 H HZ2  . TRP A 1 29 ? 5.733   17.087  -2.739  1.00 5.40 ? 37 TRP A HZ2  1 
ATOM 496 H HZ3  . TRP A 1 29 ? 2.508   16.432  -5.380  1.00 3.89 ? 37 TRP A HZ3  1 
ATOM 497 H HH2  . TRP A 1 29 ? 4.082   17.962  -4.311  1.00 4.80 ? 37 TRP A HH2  1 
ATOM 498 N N    . ARG A 1 30 ? 0.941   11.256  -4.677  1.00 1.03 ? 38 ARG A N    1 
ATOM 499 C CA   . ARG A 1 30 ? -0.071  11.725  -5.677  1.00 1.44 ? 38 ARG A CA   1 
ATOM 500 C C    . ARG A 1 30 ? -1.466  11.805  -5.037  1.00 1.30 ? 38 ARG A C    1 
ATOM 501 O O    . ARG A 1 30 ? -2.364  12.415  -5.589  1.00 1.73 ? 38 ARG A O    1 
ATOM 502 C CB   . ARG A 1 30 ? -0.100  10.760  -6.872  1.00 2.36 ? 38 ARG A CB   1 
ATOM 503 C CG   . ARG A 1 30 ? -0.011  11.549  -8.190  1.00 3.22 ? 38 ARG A CG   1 
ATOM 504 C CD   . ARG A 1 30 ? 1.003   10.875  -9.118  1.00 4.01 ? 38 ARG A CD   1 
ATOM 505 N NE   . ARG A 1 30 ? 0.626   9.449   -9.306  1.00 4.97 ? 38 ARG A NE   1 
ATOM 506 C CZ   . ARG A 1 30 ? 1.480   8.602   -9.818  1.00 5.85 ? 38 ARG A CZ   1 
ATOM 507 N NH1  . ARG A 1 30 ? 2.691   8.521   -9.337  1.00 6.71 ? 38 ARG A NH1  1 
ATOM 508 N NH2  . ARG A 1 30 ? 1.124   7.837   -10.817 1.00 6.12 ? 38 ARG A NH2  1 
ATOM 509 H H    . ARG A 1 30 ? 1.297   10.343  -4.734  1.00 1.15 ? 38 ARG A H    1 
ATOM 510 H HA   . ARG A 1 30 ? 0.213   12.709  -6.020  1.00 1.73 ? 38 ARG A HA   1 
ATOM 511 H HB2  . ARG A 1 30 ? 0.738   10.082  -6.801  1.00 2.60 ? 38 ARG A HB2  1 
ATOM 512 H HB3  . ARG A 1 30 ? -1.020  10.191  -6.858  1.00 2.79 ? 38 ARG A HB3  1 
ATOM 513 H HG2  . ARG A 1 30 ? -0.981  11.563  -8.668  1.00 3.65 ? 38 ARG A HG2  1 
ATOM 514 H HG3  . ARG A 1 30 ? 0.305   12.562  -7.989  1.00 3.42 ? 38 ARG A HG3  1 
ATOM 515 H HD2  . ARG A 1 30 ? 1.008   11.377  -10.075 1.00 4.23 ? 38 ARG A HD2  1 
ATOM 516 H HD3  . ARG A 1 30 ? 1.986   10.934  -8.676  1.00 4.11 ? 38 ARG A HD3  1 
ATOM 517 H HE   . ARG A 1 30 ? -0.267  9.142   -9.041  1.00 5.16 ? 38 ARG A HE   1 
ATOM 518 H HH11 . ARG A 1 30 ? 2.967   9.104   -8.572  1.00 6.74 ? 38 ARG A HH11 1 
ATOM 519 H HH12 . ARG A 1 30 ? 3.341   7.872   -9.731  1.00 7.48 ? 38 ARG A HH12 1 
ATOM 520 H HH21 . ARG A 1 30 ? 0.197   7.894   -11.186 1.00 5.67 ? 38 ARG A HH21 1 
ATOM 521 H HH22 . ARG A 1 30 ? 1.780   7.190   -11.207 1.00 6.92 ? 38 ARG A HH22 1 
ATOM 522 N N    . MET A 1 31 ? -1.658  11.200  -3.889  1.00 1.34 ? 39 MET A N    1 
ATOM 523 C CA   . MET A 1 31 ? -2.994  11.253  -3.225  1.00 2.11 ? 39 MET A CA   1 
ATOM 524 C C    . MET A 1 31 ? -3.261  12.672  -2.741  1.00 2.06 ? 39 MET A C    1 
ATOM 525 O O    . MET A 1 31 ? -4.396  13.107  -2.676  1.00 2.65 ? 39 MET A O    1 
ATOM 526 C CB   . MET A 1 31 ? -3.007  10.301  -2.025  1.00 2.80 ? 39 MET A CB   1 
ATOM 527 C CG   . MET A 1 31 ? -3.486  8.912   -2.463  1.00 3.49 ? 39 MET A CG   1 
ATOM 528 S SD   . MET A 1 31 ? -3.616  7.834   -1.013  1.00 4.09 ? 39 MET A SD   1 
ATOM 529 C CE   . MET A 1 31 ? -4.841  6.680   -1.675  1.00 4.73 ? 39 MET A CE   1 
ATOM 530 H H    . MET A 1 31 ? -0.926  10.714  -3.462  1.00 1.21 ? 39 MET A H    1 
ATOM 531 H HA   . MET A 1 31 ? -3.765  10.975  -3.927  1.00 2.53 ? 39 MET A HA   1 
ATOM 532 H HB2  . MET A 1 31 ? -2.008  10.227  -1.620  1.00 2.97 ? 39 MET A HB2  1 
ATOM 533 H HB3  . MET A 1 31 ? -3.672  10.687  -1.269  1.00 3.17 ? 39 MET A HB3  1 
ATOM 534 H HG2  . MET A 1 31 ? -4.450  8.997   -2.937  1.00 3.92 ? 39 MET A HG2  1 
ATOM 535 H HG3  . MET A 1 31 ? -2.778  8.491   -3.160  1.00 3.75 ? 39 MET A HG3  1 
ATOM 536 H HE1  . MET A 1 31 ? -4.581  6.426   -2.694  1.00 5.16 ? 39 MET A HE1  1 
ATOM 537 H HE2  . MET A 1 31 ? -4.856  5.785   -1.068  1.00 4.81 ? 39 MET A HE2  1 
ATOM 538 H HE3  . MET A 1 31 ? -5.817  7.138   -1.658  1.00 5.05 ? 39 MET A HE3  1 
ATOM 539 N N    . HIS A 1 32 ? -2.225  13.407  -2.420  1.00 1.79 ? 40 HIS A N    1 
ATOM 540 C CA   . HIS A 1 32 ? -2.423  14.810  -1.961  1.00 2.33 ? 40 HIS A CA   1 
ATOM 541 C C    . HIS A 1 32 ? -2.419  15.757  -3.165  1.00 1.97 ? 40 HIS A C    1 
ATOM 542 O O    . HIS A 1 32 ? -2.299  16.957  -3.011  1.00 2.53 ? 40 HIS A O    1 
ATOM 543 C CB   . HIS A 1 32 ? -1.309  15.206  -0.991  1.00 3.13 ? 40 HIS A CB   1 
ATOM 544 C CG   . HIS A 1 32 ? -1.821  15.109  0.418   1.00 3.86 ? 40 HIS A CG   1 
ATOM 545 N ND1  . HIS A 1 32 ? -1.297  15.867  1.447   1.00 4.48 ? 40 HIS A ND1  1 
ATOM 546 C CD2  . HIS A 1 32 ? -2.818  14.352  0.981   1.00 4.51 ? 40 HIS A CD2  1 
ATOM 547 C CE1  . HIS A 1 32 ? -1.975  15.548  2.563   1.00 5.30 ? 40 HIS A CE1  1 
ATOM 548 N NE2  . HIS A 1 32 ? -2.913  14.631  2.334   1.00 5.35 ? 40 HIS A NE2  1 
ATOM 549 H H    . HIS A 1 32 ? -1.320  13.039  -2.497  1.00 1.60 ? 40 HIS A H    1 
ATOM 550 H HA   . HIS A 1 32 ? -3.379  14.886  -1.463  1.00 2.79 ? 40 HIS A HA   1 
ATOM 551 H HB2  . HIS A 1 32 ? -0.466  14.542  -1.115  1.00 3.23 ? 40 HIS A HB2  1 
ATOM 552 H HB3  . HIS A 1 32 ? -0.997  16.222  -1.189  1.00 3.57 ? 40 HIS A HB3  1 
ATOM 553 H HD1  . HIS A 1 32 ? -0.571  16.521  1.375   1.00 4.57 ? 40 HIS A HD1  1 
ATOM 554 H HD2  . HIS A 1 32 ? -3.436  13.653  0.453   1.00 4.64 ? 40 HIS A HD2  1 
ATOM 555 H HE1  . HIS A 1 32 ? -1.782  15.976  3.526   1.00 6.03 ? 40 HIS A HE1  1 
ATOM 556 N N    . LEU A 1 33 ? -2.593  15.234  -4.354  1.00 1.54 ? 41 LEU A N    1 
ATOM 557 C CA   . LEU A 1 33 ? -2.648  16.099  -5.553  1.00 2.06 ? 41 LEU A CA   1 
ATOM 558 C C    . LEU A 1 33 ? -3.965  15.793  -6.275  1.00 2.44 ? 41 LEU A C    1 
ATOM 559 O O    . LEU A 1 33 ? -4.089  16.001  -7.464  1.00 3.14 ? 41 LEU A O    1 
ATOM 560 C CB   . LEU A 1 33 ? -1.478  15.807  -6.504  1.00 2.62 ? 41 LEU A CB   1 
ATOM 561 C CG   . LEU A 1 33 ? -0.150  15.606  -5.752  1.00 2.79 ? 41 LEU A CG   1 
ATOM 562 C CD1  . LEU A 1 33 ? 0.961   15.415  -6.796  1.00 3.80 ? 41 LEU A CD1  1 
ATOM 563 C CD2  . LEU A 1 33 ? 0.185   16.831  -4.879  1.00 3.26 ? 41 LEU A CD2  1 
ATOM 564 H H    . LEU A 1 33 ? -2.734  14.275  -4.459  1.00 1.35 ? 41 LEU A H    1 
ATOM 565 H HA   . LEU A 1 33 ? -2.630  17.140  -5.253  1.00 2.36 ? 41 LEU A HA   1 
ATOM 566 H HB2  . LEU A 1 33 ? -1.700  14.911  -7.064  1.00 3.07 ? 41 LEU A HB2  1 
ATOM 567 H HB3  . LEU A 1 33 ? -1.369  16.631  -7.192  1.00 3.12 ? 41 LEU A HB3  1 
ATOM 568 H HG   . LEU A 1 33 ? -0.216  14.721  -5.131  1.00 2.59 ? 41 LEU A HG   1 
ATOM 569 H HD11 . LEU A 1 33 ? 0.550   14.976  -7.690  1.00 3.98 ? 41 LEU A HD11 1 
ATOM 570 H HD12 . LEU A 1 33 ? 1.396   16.376  -7.037  1.00 4.33 ? 41 LEU A HD12 1 
ATOM 571 H HD13 . LEU A 1 33 ? 1.730   14.770  -6.401  1.00 4.25 ? 41 LEU A HD13 1 
ATOM 572 H HD21 . LEU A 1 33 ? -0.722  17.303  -4.544  1.00 3.62 ? 41 LEU A HD21 1 
ATOM 573 H HD22 . LEU A 1 33 ? 0.763   16.514  -4.018  1.00 3.62 ? 41 LEU A HD22 1 
ATOM 574 H HD23 . LEU A 1 33 ? 0.770   17.534  -5.455  1.00 3.50 ? 41 LEU A HD23 1 
# 
